data_6M2R
#
_entry.id   6M2R
#
_cell.length_a   96.800
_cell.length_b   141.270
_cell.length_c   167.711
_cell.angle_alpha   90.000
_cell.angle_beta   90.000
_cell.angle_gamma   90.000
#
_symmetry.space_group_name_H-M   'P 21 21 21'
#
loop_
_entity.id
_entity.type
_entity.pdbx_description
1 polymer 'Sodium-dependent dopamine transporter'
2 polymer 'Antibody fragment 9D5 Light chain'
3 polymer 'Antibody fragment 9D5 heavy chain'
4 non-polymer DECYL-BETA-D-MALTOPYRANOSIDE
5 non-polymer 'CHOLESTEROL HEMISUCCINATE'
6 non-polymer CHOLESTEROL
7 non-polymer L-NOREPINEPHRINE
8 non-polymer 'CHLORIDE ION'
9 non-polymer 'SODIUM ION'
10 non-polymer DECANE
11 water water
#
loop_
_entity_poly.entity_id
_entity_poly.type
_entity_poly.pdbx_seq_one_letter_code
_entity_poly.pdbx_strand_id
1 'polypeptide(L)'
;DERETWSGKVDFLLSVIGFAVDLANVWRFPYLCYKNGGGAFLVPYGIMLAVGGIPLFYMELALGQHNRKGAITCWGRLVP
LFKGIGYAVVLIAFYVDFYYNVIIAWSLRFFFASFTNSLPWTSCNNIWNTPNCRPFEGHVEGFQSAASEYFNRYILELNR
SEGIHDLGAIKWDMALCLLIVYLICYFSLWKGISTSGKVVWFTALFPYAVLLILLIRGLTLPGSFLGIQYYLTPNFSAIY
KAEVWVDAATQVFFSLGPGFGVLLAYASYNKYHNNVYKDALLTSFINSATSFIAGFVIFSVLGYMAHTLGVRIEDVATEG
PGLVFVVYPAAIATMPASTFWALIFFMMLATLGLDSSFGGSEAIITALSDEFPKIKRNRELFVAGLFSLYFVVGLASCTQ
GGFYFLHLLDRYAAGYSILVAVFFEAIAVSWIYGTNRFSEDIRDMIGFPPGRYWQVCWRFVAPIFLLFITVYGLIGYEPL
TYADYVYPSWANALGWCIAGSSVVMIPAVAIFKLLSTPGSLRQRFTILTTPWRDQQ
;
A
2 'polypeptide(L)'
;ENVLTQSPAIMSTSPGEKVTMTCRASSSVGSSYLHWYQQKSGASPKLWIYSTSNLASGVPARFSGSGSGTSYSLTISSVE
AEDAATYYCQQFSGYPLTFGSGTKLEMKRADAAPTVSIFPPSSEQLTSGGASVVCFLNNFYPKDINVKWKIDGSERQNGV
LNSWTDQDSKDSTYSMSSTLTLTKDEYERHNSYTCEATHKTSTSPIVKSFNRNE
;
L
3 'polypeptide(L)'
;EVQLVESGGGLVKPGGSLKLSCAASGFTFSSYAMSWVRQSPEKRLEWVAEISSGGRYIYYSDTVTGRFTISRDNARNILH
LEMSSLRSEDTAMYYCARGEVRQRGFDYWGQGTTLTVSSAKTTAPSVYPLAPVCGDTTGSSVTLGCLVKGYFPEPVTLTW
NSGSLSSGVHTFPAVLQSDLYTLSSSVTVTSSTWPSQSITCNVAHPASSTKVDKKIEPR
;
H
#
loop_
_chem_comp.id
_chem_comp.type
_chem_comp.name
_chem_comp.formula
CL non-polymer 'CHLORIDE ION' 'Cl -1'
CLR non-polymer CHOLESTEROL 'C27 H46 O'
D10 non-polymer DECANE 'C10 H22'
DMU D-saccharide DECYL-BETA-D-MALTOPYRANOSIDE 'C22 H42 O11'
LNR non-polymer L-NOREPINEPHRINE 'C8 H11 N O3'
NA non-polymer 'SODIUM ION' 'Na 1'
Y01 non-polymer 'CHOLESTEROL HEMISUCCINATE' 'C31 H50 O4'
#
# COMPACT_ATOMS: atom_id res chain seq x y z
N ASP A 1 9.45 15.86 -18.14
CA ASP A 1 9.90 16.34 -16.84
C ASP A 1 9.03 15.80 -15.71
N GLU A 2 8.44 16.70 -14.93
CA GLU A 2 7.65 16.33 -13.77
C GLU A 2 6.20 16.79 -13.96
N ARG A 3 5.27 15.86 -13.79
CA ARG A 3 3.84 16.12 -13.91
C ARG A 3 3.32 16.85 -12.68
N GLU A 4 2.41 17.80 -12.89
CA GLU A 4 1.95 18.61 -11.77
C GLU A 4 1.09 17.78 -10.83
N THR A 5 0.72 18.40 -9.72
CA THR A 5 0.07 17.66 -8.65
C THR A 5 -0.97 18.55 -7.97
N TRP A 6 -1.99 17.92 -7.40
CA TRP A 6 -2.99 18.65 -6.64
C TRP A 6 -2.32 19.54 -5.61
N SER A 7 -2.66 20.83 -5.62
CA SER A 7 -2.11 21.75 -4.62
C SER A 7 -2.32 21.22 -3.21
N GLY A 8 -3.44 20.54 -2.97
CA GLY A 8 -3.68 19.87 -1.71
C GLY A 8 -4.49 18.61 -1.93
N LYS A 9 -4.46 17.74 -0.94
CA LYS A 9 -5.15 16.46 -1.10
C LYS A 9 -6.67 16.58 -0.97
N VAL A 10 -7.18 17.66 -0.37
CA VAL A 10 -8.62 17.84 -0.34
C VAL A 10 -9.15 18.26 -1.72
N ASP A 11 -8.37 19.00 -2.49
CA ASP A 11 -8.76 19.30 -3.87
C ASP A 11 -9.11 18.04 -4.63
N PHE A 12 -8.34 16.98 -4.41
CA PHE A 12 -8.62 15.70 -5.07
C PHE A 12 -9.92 15.10 -4.56
N LEU A 13 -10.08 15.00 -3.24
CA LEU A 13 -11.27 14.34 -2.73
C LEU A 13 -12.53 15.11 -3.10
N LEU A 14 -12.50 16.44 -3.07
CA LEU A 14 -13.68 17.18 -3.47
C LEU A 14 -13.92 17.06 -4.98
N SER A 15 -12.84 17.07 -5.78
CA SER A 15 -12.97 16.84 -7.21
C SER A 15 -13.58 15.46 -7.50
N VAL A 16 -13.16 14.43 -6.77
CA VAL A 16 -13.76 13.11 -6.93
C VAL A 16 -15.19 13.11 -6.39
N ILE A 17 -15.36 13.61 -5.15
CA ILE A 17 -16.68 13.68 -4.56
C ILE A 17 -17.61 14.55 -5.39
N GLY A 18 -17.12 15.70 -5.84
CA GLY A 18 -17.93 16.55 -6.71
C GLY A 18 -18.35 15.84 -7.98
N PHE A 19 -17.44 15.06 -8.56
CA PHE A 19 -17.79 14.36 -9.79
C PHE A 19 -18.83 13.27 -9.53
N ALA A 20 -18.70 12.55 -8.42
CA ALA A 20 -19.60 11.44 -8.16
C ALA A 20 -20.97 11.88 -7.65
N VAL A 21 -21.05 12.98 -6.90
CA VAL A 21 -22.33 13.43 -6.34
C VAL A 21 -22.94 14.45 -7.28
N ASP A 22 -24.01 14.06 -7.96
CA ASP A 22 -24.72 14.95 -8.89
C ASP A 22 -26.22 14.70 -8.72
N LEU A 23 -27.00 15.10 -9.73
CA LEU A 23 -28.45 15.11 -9.60
C LEU A 23 -29.04 13.70 -9.47
N ALA A 24 -28.38 12.68 -10.02
CA ALA A 24 -28.90 11.33 -9.86
C ALA A 24 -28.82 10.85 -8.40
N ASN A 25 -27.99 11.46 -7.56
CA ASN A 25 -28.05 11.12 -6.14
C ASN A 25 -29.38 11.55 -5.55
N VAL A 26 -29.98 12.61 -6.09
CA VAL A 26 -31.22 13.15 -5.56
C VAL A 26 -32.44 12.56 -6.25
N TRP A 27 -32.44 12.45 -7.58
CA TRP A 27 -33.66 12.18 -8.32
C TRP A 27 -33.77 10.73 -8.81
N ARG A 28 -32.92 9.82 -8.33
CA ARG A 28 -33.09 8.42 -8.70
C ARG A 28 -32.93 7.46 -7.50
N PHE A 29 -31.91 7.65 -6.68
CA PHE A 29 -31.73 6.75 -5.54
C PHE A 29 -32.93 6.73 -4.60
N PRO A 30 -33.38 7.86 -4.05
CA PRO A 30 -34.59 7.83 -3.23
C PRO A 30 -35.77 7.16 -3.91
N TYR A 31 -36.02 7.49 -5.18
CA TYR A 31 -37.13 6.84 -5.88
C TYR A 31 -36.98 5.33 -5.88
N LEU A 32 -35.78 4.83 -6.16
CA LEU A 32 -35.58 3.38 -6.24
C LEU A 32 -35.85 2.70 -4.90
N CYS A 33 -35.43 3.33 -3.79
CA CYS A 33 -35.82 2.83 -2.47
C CYS A 33 -37.33 2.76 -2.35
N TYR A 34 -38.00 3.90 -2.51
CA TYR A 34 -39.45 3.95 -2.41
C TYR A 34 -40.12 2.87 -3.25
N LYS A 35 -39.51 2.51 -4.38
CA LYS A 35 -40.14 1.61 -5.34
C LYS A 35 -39.79 0.15 -5.11
N ASN A 36 -38.62 -0.14 -4.56
CA ASN A 36 -38.08 -1.50 -4.46
C ASN A 36 -37.97 -1.97 -3.01
N GLY A 37 -38.99 -1.71 -2.20
CA GLY A 37 -39.04 -2.25 -0.87
C GLY A 37 -38.43 -1.40 0.21
N GLY A 38 -38.41 -0.08 0.04
CA GLY A 38 -37.89 0.79 1.09
C GLY A 38 -36.51 0.37 1.57
N GLY A 39 -36.32 0.40 2.89
CA GLY A 39 -35.03 0.05 3.46
C GLY A 39 -34.45 -1.25 2.93
N ALA A 40 -35.32 -2.21 2.58
CA ALA A 40 -34.83 -3.50 2.12
C ALA A 40 -33.99 -3.37 0.86
N PHE A 41 -34.27 -2.36 0.03
CA PHE A 41 -33.49 -2.17 -1.19
C PHE A 41 -32.01 -2.03 -0.88
N LEU A 42 -31.68 -1.57 0.34
CA LEU A 42 -30.28 -1.39 0.71
C LEU A 42 -29.51 -2.71 0.67
N VAL A 43 -30.19 -3.85 0.81
CA VAL A 43 -29.50 -5.13 0.73
C VAL A 43 -28.88 -5.24 -0.65
N PRO A 44 -29.65 -5.50 -1.72
CA PRO A 44 -29.00 -5.67 -3.04
C PRO A 44 -28.19 -4.47 -3.46
N TYR A 45 -28.60 -3.27 -3.02
CA TYR A 45 -27.82 -2.07 -3.33
C TYR A 45 -26.44 -2.13 -2.71
N GLY A 46 -26.35 -2.51 -1.44
CA GLY A 46 -25.05 -2.67 -0.81
C GLY A 46 -24.26 -3.83 -1.39
N ILE A 47 -24.92 -4.95 -1.67
CA ILE A 47 -24.23 -6.08 -2.29
C ILE A 47 -23.72 -5.68 -3.66
N MET A 48 -24.56 -5.06 -4.49
CA MET A 48 -24.11 -4.59 -5.79
CA MET A 48 -24.09 -4.60 -5.78
C MET A 48 -23.04 -3.51 -5.63
N LEU A 49 -23.11 -2.74 -4.54
CA LEU A 49 -22.10 -1.71 -4.30
C LEU A 49 -20.77 -2.33 -3.87
N ALA A 50 -20.83 -3.41 -3.11
CA ALA A 50 -19.62 -4.00 -2.54
C ALA A 50 -18.92 -4.91 -3.53
N VAL A 51 -19.67 -5.75 -4.24
CA VAL A 51 -19.04 -6.71 -5.14
C VAL A 51 -18.75 -6.12 -6.51
N GLY A 52 -19.56 -5.17 -6.98
CA GLY A 52 -19.40 -4.68 -8.33
C GLY A 52 -19.05 -3.21 -8.44
N GLY A 53 -19.81 -2.36 -7.77
CA GLY A 53 -19.59 -0.93 -7.83
C GLY A 53 -18.21 -0.47 -7.35
N ILE A 54 -17.89 -0.72 -6.08
CA ILE A 54 -16.66 -0.15 -5.51
C ILE A 54 -15.41 -0.83 -6.06
N PRO A 55 -15.40 -2.15 -6.26
CA PRO A 55 -14.24 -2.75 -6.93
C PRO A 55 -13.85 -2.01 -8.21
N LEU A 56 -14.83 -1.65 -9.04
CA LEU A 56 -14.50 -0.95 -10.28
C LEU A 56 -14.02 0.47 -10.01
N PHE A 57 -14.64 1.13 -9.04
CA PHE A 57 -14.24 2.49 -8.67
C PHE A 57 -12.79 2.50 -8.20
N TYR A 58 -12.43 1.56 -7.34
CA TYR A 58 -11.06 1.45 -6.82
C TYR A 58 -10.07 1.20 -7.96
N MET A 59 -10.40 0.24 -8.83
CA MET A 59 -9.52 -0.11 -9.95
C MET A 59 -9.12 1.10 -10.77
N GLU A 60 -10.08 1.96 -11.14
CA GLU A 60 -9.72 3.05 -12.03
C GLU A 60 -8.91 4.11 -11.32
N LEU A 61 -9.21 4.36 -10.04
CA LEU A 61 -8.44 5.31 -9.26
C LEU A 61 -6.99 4.85 -9.11
N ALA A 62 -6.78 3.56 -8.86
CA ALA A 62 -5.42 3.04 -8.76
C ALA A 62 -4.70 3.12 -10.10
N LEU A 63 -5.36 2.66 -11.16
CA LEU A 63 -4.79 2.77 -12.50
C LEU A 63 -4.35 4.18 -12.81
N GLY A 64 -5.22 5.16 -12.56
CA GLY A 64 -4.88 6.54 -12.87
C GLY A 64 -3.69 7.04 -12.09
N GLN A 65 -3.61 6.66 -10.81
CA GLN A 65 -2.49 7.10 -10.00
C GLN A 65 -1.20 6.43 -10.43
N HIS A 66 -1.27 5.14 -10.72
CA HIS A 66 -0.05 4.38 -11.02
C HIS A 66 0.50 4.74 -12.41
N ASN A 67 -0.36 4.87 -13.42
CA ASN A 67 0.14 5.05 -14.78
C ASN A 67 0.34 6.50 -15.17
N ARG A 68 -0.29 7.45 -14.49
CA ARG A 68 0.09 8.86 -14.52
C ARG A 68 -0.29 9.56 -15.83
N LYS A 69 -1.29 9.08 -16.57
CA LYS A 69 -1.70 9.73 -17.80
C LYS A 69 -3.21 9.70 -17.93
N GLY A 70 -3.72 10.52 -18.86
CA GLY A 70 -5.12 10.48 -19.25
C GLY A 70 -5.52 9.13 -19.82
N ALA A 71 -6.78 8.99 -20.24
CA ALA A 71 -7.30 7.65 -20.54
C ALA A 71 -6.68 7.07 -21.81
N ILE A 72 -6.46 7.88 -22.85
CA ILE A 72 -5.87 7.40 -24.08
C ILE A 72 -4.46 6.85 -23.81
N THR A 73 -3.57 7.72 -23.32
CA THR A 73 -2.18 7.31 -23.05
C THR A 73 -2.13 6.15 -22.07
N CYS A 74 -2.97 6.17 -21.05
CA CYS A 74 -2.95 5.14 -20.01
C CYS A 74 -3.22 3.76 -20.60
N TRP A 75 -4.33 3.62 -21.33
CA TRP A 75 -4.65 2.31 -21.89
C TRP A 75 -3.68 1.90 -23.00
N GLY A 76 -3.10 2.88 -23.70
CA GLY A 76 -2.01 2.56 -24.62
C GLY A 76 -0.88 1.82 -23.93
N ARG A 77 -0.53 2.25 -22.71
CA ARG A 77 0.58 1.67 -21.98
C ARG A 77 0.23 0.41 -21.23
N LEU A 78 -1.02 0.26 -20.80
CA LEU A 78 -1.38 -0.96 -20.09
C LEU A 78 -1.44 -2.16 -21.04
N VAL A 79 -2.13 -1.98 -22.16
CA VAL A 79 -2.33 -3.04 -23.16
C VAL A 79 -2.40 -2.38 -24.53
N PRO A 80 -1.28 -2.19 -25.23
CA PRO A 80 -1.32 -1.43 -26.50
C PRO A 80 -2.39 -1.88 -27.47
N LEU A 81 -2.69 -3.18 -27.52
CA LEU A 81 -3.74 -3.68 -28.41
C LEU A 81 -5.10 -3.08 -28.10
N PHE A 82 -5.27 -2.48 -26.91
CA PHE A 82 -6.56 -1.96 -26.47
C PHE A 82 -6.52 -0.48 -26.18
N LYS A 83 -5.52 0.24 -26.72
CA LYS A 83 -5.53 1.69 -26.60
C LYS A 83 -6.87 2.26 -27.06
N GLY A 84 -7.65 1.48 -27.83
CA GLY A 84 -8.95 1.97 -28.28
C GLY A 84 -9.89 2.30 -27.14
N ILE A 85 -9.82 1.53 -26.04
CA ILE A 85 -10.63 1.86 -24.86
C ILE A 85 -10.47 3.32 -24.48
N GLY A 86 -9.22 3.79 -24.50
CA GLY A 86 -8.97 5.18 -24.17
C GLY A 86 -9.71 6.15 -25.07
N TYR A 87 -9.77 5.83 -26.36
CA TYR A 87 -10.52 6.70 -27.27
C TYR A 87 -12.02 6.58 -27.02
N ALA A 88 -12.52 5.34 -26.91
CA ALA A 88 -13.95 5.14 -26.67
C ALA A 88 -14.42 5.91 -25.46
N VAL A 89 -13.61 5.93 -24.40
CA VAL A 89 -14.04 6.53 -23.15
C VAL A 89 -14.00 8.05 -23.24
N VAL A 90 -13.02 8.61 -23.94
CA VAL A 90 -12.96 10.06 -24.11
C VAL A 90 -14.10 10.55 -25.01
N LEU A 91 -14.47 9.74 -26.01
CA LEU A 91 -15.56 10.12 -26.90
C LEU A 91 -16.87 10.16 -26.13
N ILE A 92 -17.14 9.13 -25.32
CA ILE A 92 -18.39 9.06 -24.54
C ILE A 92 -18.50 10.26 -23.62
N ALA A 93 -17.39 10.68 -23.01
CA ALA A 93 -17.41 11.90 -22.20
C ALA A 93 -17.70 13.13 -23.06
N PHE A 94 -17.24 13.12 -24.31
CA PHE A 94 -17.50 14.22 -25.24
C PHE A 94 -19.00 14.35 -25.51
N TYR A 95 -19.64 13.25 -25.88
CA TYR A 95 -21.07 13.27 -26.19
C TYR A 95 -21.89 13.74 -24.99
N VAL A 96 -21.54 13.27 -23.80
CA VAL A 96 -22.36 13.55 -22.62
C VAL A 96 -22.35 15.05 -22.30
N ASP A 97 -21.20 15.71 -22.43
CA ASP A 97 -21.17 17.16 -22.19
C ASP A 97 -22.06 17.92 -23.16
N PHE A 98 -22.47 17.30 -24.28
CA PHE A 98 -23.36 17.99 -25.20
C PHE A 98 -24.73 18.26 -24.60
N TYR A 99 -25.14 17.44 -23.62
CA TYR A 99 -26.46 17.62 -23.03
C TYR A 99 -26.46 17.81 -21.52
N TYR A 100 -25.49 17.23 -20.80
CA TYR A 100 -25.51 17.34 -19.35
C TYR A 100 -25.48 18.79 -18.89
N ASN A 101 -24.82 19.66 -19.65
CA ASN A 101 -24.73 21.06 -19.25
C ASN A 101 -26.05 21.80 -19.42
N VAL A 102 -26.86 21.44 -20.43
CA VAL A 102 -28.14 22.11 -20.58
C VAL A 102 -29.02 21.86 -19.37
N ILE A 103 -28.86 20.70 -18.73
CA ILE A 103 -29.62 20.46 -17.51
C ILE A 103 -29.12 21.35 -16.39
N ILE A 104 -27.83 21.67 -16.37
CA ILE A 104 -27.38 22.69 -15.44
C ILE A 104 -27.99 24.02 -15.80
N ALA A 105 -28.15 24.30 -17.09
CA ALA A 105 -28.75 25.56 -17.51
C ALA A 105 -30.18 25.69 -16.98
N TRP A 106 -30.97 24.62 -17.12
CA TRP A 106 -32.29 24.59 -16.50
C TRP A 106 -32.23 25.06 -15.05
N SER A 107 -31.34 24.44 -14.27
CA SER A 107 -31.09 24.88 -12.90
C SER A 107 -30.95 26.40 -12.82
N LEU A 108 -30.09 26.96 -13.66
CA LEU A 108 -29.87 28.41 -13.62
C LEU A 108 -31.08 29.18 -14.10
N ARG A 109 -31.81 28.64 -15.10
CA ARG A 109 -32.99 29.35 -15.60
C ARG A 109 -34.07 29.44 -14.52
N PHE A 110 -34.23 28.39 -13.72
CA PHE A 110 -35.15 28.43 -12.59
C PHE A 110 -34.61 29.32 -11.46
N PHE A 111 -33.30 29.31 -11.26
CA PHE A 111 -32.69 30.18 -10.25
C PHE A 111 -32.96 31.64 -10.59
N PHE A 112 -32.66 32.05 -11.83
CA PHE A 112 -33.00 33.40 -12.24
C PHE A 112 -34.50 33.62 -12.30
N ALA A 113 -35.30 32.57 -12.23
CA ALA A 113 -36.76 32.72 -12.20
C ALA A 113 -37.31 32.84 -10.78
N SER A 114 -36.51 32.52 -9.77
CA SER A 114 -36.96 32.57 -8.39
C SER A 114 -36.72 33.91 -7.72
N PHE A 115 -36.20 34.91 -8.44
CA PHE A 115 -35.99 36.24 -7.86
C PHE A 115 -37.32 37.01 -7.90
N THR A 116 -38.24 36.57 -7.03
CA THR A 116 -39.57 37.19 -7.03
C THR A 116 -40.31 36.86 -5.75
N ASN A 117 -41.37 37.64 -5.53
CA ASN A 117 -42.25 37.50 -4.38
C ASN A 117 -43.28 36.40 -4.56
N SER A 118 -43.60 36.05 -5.81
CA SER A 118 -44.62 35.04 -6.10
C SER A 118 -44.05 34.12 -7.18
N LEU A 119 -43.63 32.93 -6.78
CA LEU A 119 -43.02 32.00 -7.72
C LEU A 119 -44.01 31.67 -8.83
N PRO A 120 -43.62 31.80 -10.11
CA PRO A 120 -44.61 31.73 -11.19
C PRO A 120 -45.28 30.37 -11.35
N TRP A 121 -44.73 29.28 -10.82
CA TRP A 121 -45.28 27.96 -11.08
C TRP A 121 -46.37 27.56 -10.09
N THR A 122 -47.04 28.51 -9.44
CA THR A 122 -48.02 28.19 -8.40
C THR A 122 -49.42 27.96 -8.96
N SER A 123 -49.87 28.85 -9.82
CA SER A 123 -51.27 28.93 -10.23
C SER A 123 -51.46 28.45 -11.66
N CYS A 124 -52.73 28.33 -12.04
CA CYS A 124 -53.14 27.79 -13.32
C CYS A 124 -53.81 28.84 -14.20
N ASN A 125 -53.50 30.12 -13.98
CA ASN A 125 -54.20 31.22 -14.63
C ASN A 125 -53.20 32.20 -15.24
N ASN A 126 -52.30 31.65 -16.06
CA ASN A 126 -51.33 32.42 -16.82
C ASN A 126 -51.48 32.14 -18.30
N ILE A 127 -50.81 32.96 -19.12
CA ILE A 127 -50.93 32.83 -20.57
C ILE A 127 -50.49 31.47 -21.07
N TRP A 128 -49.62 30.77 -20.33
CA TRP A 128 -49.11 29.49 -20.80
C TRP A 128 -49.91 28.30 -20.32
N ASN A 129 -50.97 28.50 -19.52
CA ASN A 129 -51.71 27.38 -18.95
C ASN A 129 -52.81 26.92 -19.89
N THR A 130 -53.18 25.65 -19.76
CA THR A 130 -54.33 25.11 -20.46
C THR A 130 -55.54 25.13 -19.54
N PRO A 131 -56.74 24.90 -20.08
CA PRO A 131 -57.90 24.71 -19.20
C PRO A 131 -57.81 23.45 -18.37
N ASN A 132 -57.06 22.45 -18.81
CA ASN A 132 -56.90 21.23 -18.05
C ASN A 132 -55.82 21.34 -16.97
N CYS A 133 -55.26 22.52 -16.73
CA CYS A 133 -54.30 22.69 -15.65
C CYS A 133 -54.98 22.48 -14.30
N ARG A 134 -54.24 21.95 -13.36
CA ARG A 134 -54.69 21.69 -12.01
C ARG A 134 -53.57 22.06 -11.06
N PRO A 135 -53.88 22.30 -9.78
CA PRO A 135 -52.87 22.92 -8.90
C PRO A 135 -51.73 21.99 -8.49
N PHE A 136 -51.95 20.69 -8.37
CA PHE A 136 -50.86 19.78 -8.02
C PHE A 136 -50.92 18.54 -8.90
N GLU A 137 -49.93 17.67 -8.75
CA GLU A 137 -49.84 16.45 -9.56
C GLU A 137 -51.10 15.60 -9.39
N GLY A 138 -51.49 14.93 -10.48
CA GLY A 138 -52.49 13.88 -10.44
C GLY A 138 -52.06 12.61 -11.16
N HIS A 139 -52.99 11.76 -11.58
CA HIS A 139 -52.64 10.51 -12.25
C HIS A 139 -53.36 10.35 -13.59
N VAL A 140 -53.88 11.42 -14.16
CA VAL A 140 -54.57 11.39 -15.45
C VAL A 140 -53.75 12.22 -16.44
N GLU A 141 -53.42 11.62 -17.59
CA GLU A 141 -52.33 12.14 -18.40
C GLU A 141 -52.65 13.49 -19.02
N GLY A 142 -53.90 13.74 -19.38
CA GLY A 142 -54.17 15.01 -20.02
C GLY A 142 -54.29 16.22 -19.11
N PHE A 143 -54.06 16.10 -17.80
CA PHE A 143 -54.31 17.21 -16.88
C PHE A 143 -53.06 17.43 -16.01
N GLN A 144 -52.17 18.28 -16.50
CA GLN A 144 -50.91 18.51 -15.84
C GLN A 144 -51.08 19.49 -14.69
N SER A 145 -50.10 19.48 -13.79
CA SER A 145 -50.11 20.36 -12.62
C SER A 145 -49.56 21.73 -12.99
N ALA A 146 -49.86 22.71 -12.15
CA ALA A 146 -49.40 24.08 -12.41
C ALA A 146 -47.90 24.11 -12.65
N ALA A 147 -47.14 23.29 -11.92
CA ALA A 147 -45.69 23.28 -12.11
C ALA A 147 -45.27 22.49 -13.35
N SER A 148 -46.05 21.47 -13.74
CA SER A 148 -45.75 20.78 -14.99
C SER A 148 -45.99 21.69 -16.19
N GLU A 149 -47.05 22.50 -16.16
CA GLU A 149 -47.33 23.37 -17.29
C GLU A 149 -46.31 24.49 -17.40
N TYR A 150 -45.84 25.02 -16.27
CA TYR A 150 -44.81 26.07 -16.32
C TYR A 150 -43.52 25.53 -16.94
N PHE A 151 -43.07 24.38 -16.46
CA PHE A 151 -41.84 23.78 -16.97
C PHE A 151 -41.99 23.42 -18.45
N ASN A 152 -43.16 22.96 -18.86
CA ASN A 152 -43.37 22.48 -20.22
C ASN A 152 -43.73 23.60 -21.19
N ARG A 153 -44.58 24.56 -20.77
CA ARG A 153 -45.14 25.53 -21.70
C ARG A 153 -44.48 26.89 -21.63
N TYR A 154 -43.94 27.30 -20.48
CA TYR A 154 -43.23 28.57 -20.40
C TYR A 154 -41.71 28.41 -20.56
N ILE A 155 -41.10 27.53 -19.78
CA ILE A 155 -39.65 27.39 -19.78
C ILE A 155 -39.18 26.68 -21.05
N LEU A 156 -39.69 25.47 -21.30
CA LEU A 156 -39.24 24.72 -22.46
C LEU A 156 -39.96 25.11 -23.75
N GLU A 157 -41.26 25.41 -23.68
CA GLU A 157 -42.11 25.58 -24.85
C GLU A 157 -42.16 24.31 -25.69
N LEU A 158 -41.97 23.16 -25.04
CA LEU A 158 -42.01 21.88 -25.72
C LEU A 158 -43.36 21.63 -26.38
N ASN A 159 -44.44 22.23 -25.89
CA ASN A 159 -45.74 22.04 -26.53
C ASN A 159 -45.74 22.52 -27.97
N ARG A 160 -44.84 23.44 -28.32
CA ARG A 160 -44.80 23.99 -29.68
C ARG A 160 -44.01 23.14 -30.65
N SER A 161 -43.49 21.98 -30.23
CA SER A 161 -42.72 21.10 -31.11
C SER A 161 -43.48 19.81 -31.35
N GLU A 162 -43.38 19.28 -32.58
CA GLU A 162 -44.08 18.07 -32.97
C GLU A 162 -43.21 16.83 -32.91
N GLY A 163 -41.96 16.96 -32.46
CA GLY A 163 -41.04 15.84 -32.37
C GLY A 163 -39.65 16.26 -32.75
N ILE A 164 -38.76 15.26 -32.85
CA ILE A 164 -37.35 15.51 -33.12
C ILE A 164 -37.15 16.27 -34.44
N HIS A 165 -38.05 16.08 -35.41
CA HIS A 165 -37.92 16.77 -36.69
C HIS A 165 -38.25 18.25 -36.58
N ASP A 166 -39.06 18.63 -35.60
CA ASP A 166 -39.59 19.99 -35.48
C ASP A 166 -39.00 20.63 -34.22
N LEU A 167 -37.83 21.27 -34.38
CA LEU A 167 -37.14 21.91 -33.26
C LEU A 167 -37.62 23.33 -32.99
N GLY A 168 -38.02 24.07 -34.03
CA GLY A 168 -38.57 25.40 -33.82
C GLY A 168 -37.56 26.45 -33.37
N ALA A 169 -38.09 27.52 -32.80
CA ALA A 169 -37.31 28.70 -32.43
C ALA A 169 -36.31 28.38 -31.32
N ILE A 170 -35.28 29.22 -31.24
CA ILE A 170 -34.27 29.12 -30.19
C ILE A 170 -34.71 29.99 -29.02
N LYS A 171 -34.83 29.39 -27.83
CA LYS A 171 -35.10 30.15 -26.62
C LYS A 171 -33.80 30.80 -26.19
N TRP A 172 -33.64 32.10 -26.50
CA TRP A 172 -32.38 32.76 -26.18
C TRP A 172 -32.18 32.94 -24.69
N ASP A 173 -33.27 32.99 -23.91
CA ASP A 173 -33.07 33.04 -22.46
C ASP A 173 -32.43 31.74 -21.96
N MET A 174 -32.69 30.61 -22.64
CA MET A 174 -31.99 29.38 -22.31
C MET A 174 -30.55 29.42 -22.80
N ALA A 175 -30.37 29.78 -24.08
CA ALA A 175 -29.02 29.93 -24.63
C ALA A 175 -28.15 30.82 -23.73
N LEU A 176 -28.72 31.93 -23.26
CA LEU A 176 -27.98 32.75 -22.31
C LEU A 176 -27.57 31.94 -21.08
N CYS A 177 -28.52 31.19 -20.52
CA CYS A 177 -28.18 30.37 -19.35
C CYS A 177 -27.11 29.34 -19.68
N LEU A 178 -27.21 28.70 -20.84
CA LEU A 178 -26.21 27.70 -21.19
C LEU A 178 -24.82 28.32 -21.24
N LEU A 179 -24.70 29.52 -21.83
CA LEU A 179 -23.40 30.17 -21.96
C LEU A 179 -22.81 30.51 -20.59
N ILE A 180 -23.65 30.93 -19.64
CA ILE A 180 -23.18 31.11 -18.27
C ILE A 180 -22.67 29.81 -17.68
N VAL A 181 -23.20 28.67 -18.13
CA VAL A 181 -22.69 27.40 -17.65
C VAL A 181 -21.27 27.17 -18.18
N TYR A 182 -21.08 27.35 -19.49
CA TYR A 182 -19.76 27.13 -20.07
C TYR A 182 -18.75 28.18 -19.61
N LEU A 183 -19.18 29.37 -19.23
CA LEU A 183 -18.26 30.34 -18.68
C LEU A 183 -17.76 29.91 -17.30
N ILE A 184 -18.68 29.51 -16.42
CA ILE A 184 -18.26 28.94 -15.13
C ILE A 184 -17.31 27.78 -15.34
N CYS A 185 -17.63 26.90 -16.29
CA CYS A 185 -16.75 25.76 -16.54
C CYS A 185 -15.39 26.21 -17.05
N TYR A 186 -15.35 27.28 -17.84
CA TYR A 186 -14.06 27.72 -18.38
C TYR A 186 -13.16 28.25 -17.28
N PHE A 187 -13.53 29.36 -16.65
CA PHE A 187 -12.56 29.88 -15.69
C PHE A 187 -12.42 29.02 -14.43
N SER A 188 -12.97 27.80 -14.47
CA SER A 188 -12.70 26.75 -13.50
C SER A 188 -11.69 25.74 -14.03
N LEU A 189 -11.89 25.26 -15.26
CA LEU A 189 -10.97 24.33 -15.91
C LEU A 189 -9.92 25.06 -16.74
N TRP A 190 -9.87 26.38 -16.60
CA TRP A 190 -9.08 27.25 -17.46
C TRP A 190 -7.59 26.99 -17.29
N LYS A 191 -7.11 27.09 -16.05
CA LYS A 191 -5.70 26.99 -15.71
C LYS A 191 -5.31 25.63 -15.16
N GLY A 192 -6.11 24.60 -15.42
CA GLY A 192 -5.82 23.30 -14.87
C GLY A 192 -6.20 23.18 -13.40
N ILE A 193 -5.77 22.07 -12.80
CA ILE A 193 -6.20 21.70 -11.46
C ILE A 193 -5.75 22.69 -10.40
N SER A 194 -4.81 23.59 -10.71
CA SER A 194 -4.44 24.64 -9.76
C SER A 194 -5.66 25.42 -9.30
N THR A 195 -6.53 25.80 -10.23
CA THR A 195 -7.76 26.51 -9.89
C THR A 195 -8.97 25.58 -9.80
N SER A 196 -9.13 24.68 -10.78
CA SER A 196 -10.24 23.73 -10.72
C SER A 196 -10.30 23.07 -9.35
N GLY A 197 -9.17 22.53 -8.89
CA GLY A 197 -9.10 21.92 -7.58
C GLY A 197 -9.59 22.83 -6.47
N LYS A 198 -9.73 24.12 -6.76
CA LYS A 198 -10.21 25.08 -5.78
C LYS A 198 -11.70 25.33 -5.87
N VAL A 199 -12.23 25.51 -7.09
CA VAL A 199 -13.65 25.86 -7.18
C VAL A 199 -14.52 24.70 -6.71
N VAL A 200 -14.04 23.46 -6.85
CA VAL A 200 -14.81 22.32 -6.35
C VAL A 200 -15.02 22.41 -4.85
N TRP A 201 -14.25 23.25 -4.15
CA TRP A 201 -14.55 23.49 -2.74
C TRP A 201 -15.96 24.04 -2.58
N PHE A 202 -16.34 24.99 -3.42
CA PHE A 202 -17.70 25.51 -3.36
C PHE A 202 -18.68 24.52 -3.97
N THR A 203 -18.41 24.06 -5.20
CA THR A 203 -19.37 23.23 -5.92
C THR A 203 -19.57 21.88 -5.24
N ALA A 204 -18.53 21.30 -4.63
CA ALA A 204 -18.77 20.05 -3.94
C ALA A 204 -19.25 20.26 -2.50
N LEU A 205 -19.01 21.43 -1.92
CA LEU A 205 -19.43 21.64 -0.53
C LEU A 205 -20.77 22.35 -0.43
N PHE A 206 -21.01 23.36 -1.25
CA PHE A 206 -22.29 24.05 -1.19
C PHE A 206 -23.48 23.11 -1.15
N PRO A 207 -23.51 22.00 -1.91
CA PRO A 207 -24.68 21.12 -1.84
C PRO A 207 -24.95 20.54 -0.46
N TYR A 208 -23.93 20.42 0.39
CA TYR A 208 -24.17 19.93 1.75
C TYR A 208 -24.77 21.02 2.64
N ALA A 209 -24.33 22.27 2.51
CA ALA A 209 -25.02 23.32 3.24
C ALA A 209 -26.49 23.33 2.89
N VAL A 210 -26.81 23.23 1.60
CA VAL A 210 -28.21 23.30 1.18
C VAL A 210 -28.95 22.03 1.57
N LEU A 211 -28.31 20.87 1.43
CA LEU A 211 -28.94 19.65 1.93
C LEU A 211 -29.28 19.76 3.41
N LEU A 212 -28.43 20.45 4.18
CA LEU A 212 -28.66 20.54 5.63
C LEU A 212 -29.83 21.45 5.93
N ILE A 213 -29.86 22.64 5.31
CA ILE A 213 -30.97 23.57 5.53
C ILE A 213 -32.28 22.93 5.12
N LEU A 214 -32.32 22.26 3.97
CA LEU A 214 -33.56 21.66 3.50
C LEU A 214 -33.92 20.42 4.30
N LEU A 215 -32.93 19.69 4.82
CA LEU A 215 -33.23 18.56 5.69
C LEU A 215 -33.98 19.03 6.94
N ILE A 216 -33.56 20.14 7.54
CA ILE A 216 -34.26 20.63 8.73
C ILE A 216 -35.63 21.16 8.35
N ARG A 217 -35.65 22.13 7.44
CA ARG A 217 -36.91 22.70 6.97
C ARG A 217 -37.90 21.61 6.56
N GLY A 218 -37.40 20.51 6.01
CA GLY A 218 -38.26 19.46 5.53
C GLY A 218 -38.78 18.56 6.63
N LEU A 219 -37.93 18.27 7.63
CA LEU A 219 -38.32 17.37 8.71
C LEU A 219 -39.28 18.03 9.69
N THR A 220 -39.31 19.36 9.73
CA THR A 220 -40.18 20.09 10.63
C THR A 220 -41.54 20.44 10.01
N LEU A 221 -41.85 19.94 8.75
CA LEU A 221 -43.16 20.25 8.20
C LEU A 221 -44.20 19.21 8.62
N PRO A 222 -45.47 19.59 8.69
CA PRO A 222 -46.51 18.58 8.94
C PRO A 222 -46.44 17.51 7.87
N GLY A 223 -46.68 16.26 8.28
CA GLY A 223 -46.59 15.16 7.35
C GLY A 223 -45.19 14.67 7.06
N SER A 224 -44.17 15.30 7.63
CA SER A 224 -42.79 14.91 7.36
C SER A 224 -42.54 13.44 7.65
N PHE A 225 -42.93 12.95 8.83
CA PHE A 225 -42.60 11.58 9.19
C PHE A 225 -43.26 10.58 8.24
N LEU A 226 -44.47 10.87 7.76
CA LEU A 226 -45.13 9.97 6.82
C LEU A 226 -44.30 9.75 5.56
N GLY A 227 -43.61 10.80 5.10
CA GLY A 227 -42.75 10.64 3.94
C GLY A 227 -41.65 9.61 4.17
N ILE A 228 -40.95 9.73 5.30
CA ILE A 228 -39.86 8.80 5.63
C ILE A 228 -40.33 7.37 5.65
N GLN A 229 -41.62 7.13 5.93
CA GLN A 229 -42.14 5.77 5.95
C GLN A 229 -42.20 5.20 4.54
N TYR A 230 -42.68 5.99 3.59
CA TYR A 230 -42.67 5.56 2.20
C TYR A 230 -41.24 5.35 1.70
N TYR A 231 -40.32 6.19 2.16
CA TYR A 231 -38.92 6.09 1.76
C TYR A 231 -38.29 4.78 2.21
N LEU A 232 -38.50 4.39 3.47
CA LEU A 232 -37.66 3.36 4.07
C LEU A 232 -38.39 2.15 4.64
N THR A 233 -39.72 2.19 4.78
CA THR A 233 -40.45 1.06 5.35
C THR A 233 -40.01 -0.26 4.73
N PRO A 234 -39.33 -1.12 5.49
CA PRO A 234 -38.77 -2.34 4.91
C PRO A 234 -39.88 -3.21 4.33
N ASN A 235 -39.56 -3.88 3.22
CA ASN A 235 -40.45 -4.86 2.61
C ASN A 235 -39.56 -5.79 1.78
N PHE A 236 -39.05 -6.84 2.42
CA PHE A 236 -38.03 -7.68 1.81
C PHE A 236 -38.57 -8.57 0.69
N SER A 237 -39.86 -8.42 0.34
CA SER A 237 -40.39 -9.21 -0.76
C SER A 237 -39.71 -8.87 -2.08
N ALA A 238 -39.30 -7.62 -2.26
CA ALA A 238 -38.71 -7.19 -3.54
C ALA A 238 -37.43 -7.92 -3.85
N ILE A 239 -36.58 -8.16 -2.84
CA ILE A 239 -35.26 -8.73 -3.05
C ILE A 239 -35.33 -10.03 -3.85
N TYR A 240 -36.46 -10.72 -3.81
CA TYR A 240 -36.56 -12.01 -4.47
C TYR A 240 -36.48 -11.89 -5.98
N LYS A 241 -36.90 -10.75 -6.53
CA LYS A 241 -37.06 -10.57 -7.98
C LYS A 241 -35.84 -9.89 -8.59
N ALA A 242 -35.47 -10.32 -9.81
CA ALA A 242 -34.22 -9.88 -10.41
C ALA A 242 -34.20 -8.38 -10.70
N GLU A 243 -35.37 -7.80 -11.00
CA GLU A 243 -35.40 -6.40 -11.41
C GLU A 243 -34.83 -5.49 -10.33
N VAL A 244 -35.12 -5.78 -9.07
CA VAL A 244 -34.53 -5.01 -7.97
C VAL A 244 -33.01 -5.10 -8.02
N TRP A 245 -32.49 -6.31 -8.18
CA TRP A 245 -31.05 -6.47 -8.25
C TRP A 245 -30.46 -5.75 -9.45
N VAL A 246 -31.23 -5.63 -10.52
CA VAL A 246 -30.76 -4.92 -11.70
C VAL A 246 -30.79 -3.42 -11.49
N ASP A 247 -31.83 -2.92 -10.83
CA ASP A 247 -31.85 -1.50 -10.47
C ASP A 247 -30.74 -1.16 -9.50
N ALA A 248 -30.57 -1.99 -8.45
CA ALA A 248 -29.41 -1.84 -7.59
C ALA A 248 -28.13 -1.80 -8.41
N ALA A 249 -27.87 -2.87 -9.17
CA ALA A 249 -26.66 -2.93 -9.97
C ALA A 249 -26.50 -1.69 -10.84
N THR A 250 -27.57 -1.28 -11.52
CA THR A 250 -27.43 -0.18 -12.47
C THR A 250 -27.22 1.15 -11.76
N GLN A 251 -27.93 1.37 -10.66
CA GLN A 251 -27.76 2.62 -9.93
C GLN A 251 -26.33 2.76 -9.40
N VAL A 252 -25.79 1.70 -8.80
CA VAL A 252 -24.46 1.83 -8.21
C VAL A 252 -23.43 2.05 -9.31
N PHE A 253 -23.62 1.43 -10.47
CA PHE A 253 -22.67 1.59 -11.57
C PHE A 253 -22.64 3.03 -12.08
N PHE A 254 -23.82 3.64 -12.30
CA PHE A 254 -23.83 4.99 -12.83
C PHE A 254 -23.61 6.05 -11.78
N SER A 255 -23.86 5.75 -10.50
CA SER A 255 -23.68 6.76 -9.48
C SER A 255 -22.21 6.99 -9.17
N LEU A 256 -21.36 5.97 -9.37
CA LEU A 256 -19.93 6.06 -9.08
C LEU A 256 -19.10 6.46 -10.30
N GLY A 257 -19.59 6.23 -11.52
CA GLY A 257 -18.94 6.64 -12.74
C GLY A 257 -17.59 6.02 -13.02
N PRO A 258 -17.46 4.70 -12.83
CA PRO A 258 -16.15 4.06 -13.03
C PRO A 258 -15.90 3.67 -14.47
N GLY A 259 -14.67 3.93 -14.92
CA GLY A 259 -14.30 3.64 -16.29
C GLY A 259 -14.72 4.69 -17.29
N PHE A 260 -14.83 5.95 -16.87
CA PHE A 260 -15.24 7.05 -17.74
C PHE A 260 -14.08 7.94 -18.13
N GLY A 261 -12.86 7.66 -17.62
CA GLY A 261 -11.71 8.51 -17.83
C GLY A 261 -11.60 9.69 -16.89
N VAL A 262 -12.59 9.90 -16.02
CA VAL A 262 -12.53 11.04 -15.10
C VAL A 262 -11.72 10.67 -13.86
N LEU A 263 -12.14 9.61 -13.16
CA LEU A 263 -11.35 9.09 -12.05
C LEU A 263 -9.91 8.81 -12.47
N LEU A 264 -9.74 8.24 -13.66
CA LEU A 264 -8.39 8.02 -14.18
C LEU A 264 -7.62 9.34 -14.27
N ALA A 265 -8.20 10.33 -14.94
CA ALA A 265 -7.52 11.62 -15.07
C ALA A 265 -7.24 12.24 -13.70
N TYR A 266 -8.26 12.35 -12.86
CA TYR A 266 -8.09 12.97 -11.55
C TYR A 266 -6.99 12.28 -10.75
N ALA A 267 -7.00 10.95 -10.71
CA ALA A 267 -5.98 10.26 -9.93
C ALA A 267 -4.59 10.42 -10.56
N SER A 268 -4.52 10.58 -11.88
CA SER A 268 -3.21 10.67 -12.52
C SER A 268 -2.38 11.84 -12.02
N TYR A 269 -3.01 12.85 -11.43
CA TYR A 269 -2.28 13.96 -10.83
C TYR A 269 -1.94 13.70 -9.37
N ASN A 270 -2.21 12.51 -8.85
CA ASN A 270 -1.88 12.18 -7.48
C ASN A 270 -0.39 11.90 -7.34
N LYS A 271 0.07 11.85 -6.09
CA LYS A 271 1.42 11.41 -5.80
C LYS A 271 1.48 9.89 -5.78
N TYR A 272 2.57 9.34 -6.33
CA TYR A 272 2.64 7.91 -6.59
C TYR A 272 2.35 7.08 -5.34
N HIS A 273 2.87 7.48 -4.18
CA HIS A 273 2.72 6.68 -2.97
C HIS A 273 1.50 7.08 -2.15
N ASN A 274 0.60 7.86 -2.73
CA ASN A 274 -0.65 8.19 -2.07
C ASN A 274 -1.48 6.95 -1.80
N ASN A 275 -2.18 6.95 -0.67
CA ASN A 275 -2.98 5.79 -0.25
C ASN A 275 -4.30 5.82 -1.03
N VAL A 276 -4.20 5.52 -2.32
CA VAL A 276 -5.36 5.57 -3.21
C VAL A 276 -6.44 4.60 -2.75
N TYR A 277 -6.07 3.56 -2.02
CA TYR A 277 -7.07 2.62 -1.47
C TYR A 277 -7.91 3.30 -0.41
N LYS A 278 -7.28 4.02 0.51
CA LYS A 278 -8.03 4.81 1.48
C LYS A 278 -8.98 5.77 0.75
N ASP A 279 -8.48 6.43 -0.31
CA ASP A 279 -9.29 7.42 -1.03
C ASP A 279 -10.49 6.77 -1.70
N ALA A 280 -10.29 5.58 -2.27
CA ALA A 280 -11.41 4.89 -2.91
C ALA A 280 -12.53 4.63 -1.91
N LEU A 281 -12.18 4.12 -0.73
CA LEU A 281 -13.23 3.81 0.25
C LEU A 281 -13.88 5.07 0.79
N LEU A 282 -13.09 6.10 1.10
CA LEU A 282 -13.66 7.31 1.69
C LEU A 282 -14.66 7.96 0.74
N THR A 283 -14.24 8.25 -0.49
CA THR A 283 -15.06 9.06 -1.39
C THR A 283 -16.26 8.27 -1.90
N SER A 284 -16.06 6.99 -2.22
CA SER A 284 -17.18 6.19 -2.67
C SER A 284 -18.27 6.15 -1.61
N PHE A 285 -17.88 6.04 -0.33
CA PHE A 285 -18.86 6.07 0.76
C PHE A 285 -19.63 7.39 0.79
N ILE A 286 -18.90 8.52 0.84
CA ILE A 286 -19.54 9.83 0.86
C ILE A 286 -20.55 9.98 -0.27
N ASN A 287 -20.36 9.25 -1.37
CA ASN A 287 -21.32 9.31 -2.48
C ASN A 287 -22.63 8.63 -2.10
N SER A 288 -22.58 7.40 -1.60
CA SER A 288 -23.81 6.74 -1.18
C SER A 288 -24.41 7.41 0.05
N ALA A 289 -23.57 7.88 0.97
CA ALA A 289 -24.11 8.63 2.10
C ALA A 289 -24.92 9.82 1.62
N THR A 290 -24.38 10.57 0.64
CA THR A 290 -25.07 11.73 0.13
C THR A 290 -26.44 11.38 -0.44
N SER A 291 -26.55 10.19 -1.06
CA SER A 291 -27.83 9.76 -1.62
C SER A 291 -28.82 9.43 -0.50
N PHE A 292 -28.36 8.70 0.52
CA PHE A 292 -29.23 8.38 1.65
C PHE A 292 -29.76 9.65 2.31
N ILE A 293 -28.87 10.62 2.60
CA ILE A 293 -29.30 11.89 3.16
C ILE A 293 -30.35 12.53 2.25
N ALA A 294 -30.06 12.58 0.94
CA ALA A 294 -30.95 13.26 0.00
C ALA A 294 -32.35 12.68 0.06
N GLY A 295 -32.46 11.36 0.18
CA GLY A 295 -33.77 10.72 0.31
C GLY A 295 -34.61 11.32 1.43
N PHE A 296 -34.01 11.57 2.60
CA PHE A 296 -34.78 12.22 3.66
C PHE A 296 -35.20 13.62 3.24
N VAL A 297 -34.30 14.36 2.58
CA VAL A 297 -34.64 15.72 2.15
C VAL A 297 -35.81 15.69 1.18
N ILE A 298 -35.83 14.71 0.28
CA ILE A 298 -36.88 14.64 -0.74
C ILE A 298 -38.16 14.09 -0.15
N PHE A 299 -38.10 12.95 0.53
CA PHE A 299 -39.34 12.30 0.95
C PHE A 299 -39.97 12.96 2.17
N SER A 300 -39.20 13.70 2.97
CA SER A 300 -39.82 14.56 3.96
C SER A 300 -40.84 15.49 3.29
N VAL A 301 -40.38 16.23 2.28
CA VAL A 301 -41.28 17.13 1.55
C VAL A 301 -42.33 16.37 0.77
N LEU A 302 -42.04 15.15 0.31
CA LEU A 302 -43.06 14.39 -0.40
C LEU A 302 -44.23 14.08 0.53
N GLY A 303 -43.94 13.62 1.76
CA GLY A 303 -45.00 13.37 2.72
C GLY A 303 -45.79 14.61 3.06
N TYR A 304 -45.09 15.74 3.26
CA TYR A 304 -45.77 17.02 3.42
C TYR A 304 -46.82 17.25 2.33
N MET A 305 -46.44 16.99 1.08
CA MET A 305 -47.38 17.20 -0.04
C MET A 305 -48.62 16.32 0.12
N ALA A 306 -48.43 15.06 0.52
CA ALA A 306 -49.54 14.13 0.67
C ALA A 306 -50.37 14.37 1.91
N HIS A 307 -49.84 15.09 2.91
CA HIS A 307 -50.59 15.33 4.14
C HIS A 307 -51.46 16.58 4.04
N THR A 308 -50.91 17.67 3.53
CA THR A 308 -51.61 18.94 3.53
C THR A 308 -52.08 19.39 2.15
N LEU A 309 -51.57 18.79 1.07
CA LEU A 309 -51.91 19.27 -0.27
C LEU A 309 -52.84 18.34 -1.04
N GLY A 310 -53.14 17.15 -0.52
CA GLY A 310 -54.11 16.28 -1.14
C GLY A 310 -53.67 15.71 -2.49
N VAL A 311 -52.58 14.94 -2.49
CA VAL A 311 -52.09 14.28 -3.69
C VAL A 311 -51.74 12.85 -3.31
N ARG A 312 -51.94 11.93 -4.25
CA ARG A 312 -51.56 10.54 -4.01
C ARG A 312 -50.04 10.41 -4.04
N ILE A 313 -49.49 9.68 -3.08
CA ILE A 313 -48.03 9.58 -2.93
C ILE A 313 -47.41 9.14 -4.25
N GLU A 314 -47.98 8.11 -4.88
CA GLU A 314 -47.41 7.59 -6.12
C GLU A 314 -47.47 8.59 -7.26
N ASP A 315 -48.19 9.70 -7.09
CA ASP A 315 -48.26 10.72 -8.12
C ASP A 315 -47.19 11.79 -7.98
N VAL A 316 -46.51 11.86 -6.85
CA VAL A 316 -45.43 12.83 -6.65
C VAL A 316 -44.08 12.16 -6.40
N ALA A 317 -44.04 10.85 -6.16
CA ALA A 317 -42.78 10.15 -5.95
C ALA A 317 -42.25 9.71 -7.32
N THR A 318 -41.62 10.66 -7.99
CA THR A 318 -41.10 10.47 -9.33
C THR A 318 -39.58 10.36 -9.29
N GLU A 319 -38.99 10.23 -10.47
CA GLU A 319 -37.55 10.22 -10.64
C GLU A 319 -37.17 11.18 -11.75
N GLY A 320 -35.90 11.52 -11.80
CA GLY A 320 -35.36 12.26 -12.92
C GLY A 320 -35.75 13.71 -12.88
N PRO A 321 -35.62 14.41 -14.02
CA PRO A 321 -35.84 15.86 -14.02
C PRO A 321 -37.19 16.28 -13.46
N GLY A 322 -38.25 15.51 -13.67
CA GLY A 322 -39.55 15.89 -13.15
C GLY A 322 -39.58 16.11 -11.65
N LEU A 323 -38.80 15.32 -10.91
CA LEU A 323 -38.78 15.47 -9.45
C LEU A 323 -38.24 16.83 -9.04
N VAL A 324 -37.16 17.27 -9.64
CA VAL A 324 -36.49 18.48 -9.16
C VAL A 324 -36.96 19.75 -9.86
N PHE A 325 -37.53 19.65 -11.06
CA PHE A 325 -37.98 20.85 -11.75
C PHE A 325 -39.50 21.04 -11.71
N VAL A 326 -40.27 20.08 -11.19
CA VAL A 326 -41.72 20.21 -11.15
C VAL A 326 -42.27 19.91 -9.76
N VAL A 327 -42.01 18.70 -9.25
CA VAL A 327 -42.70 18.24 -8.03
C VAL A 327 -42.20 18.97 -6.79
N TYR A 328 -40.89 18.92 -6.55
CA TYR A 328 -40.35 19.58 -5.36
C TYR A 328 -40.54 21.10 -5.41
N PRO A 329 -40.30 21.79 -6.52
CA PRO A 329 -40.62 23.22 -6.55
C PRO A 329 -42.07 23.52 -6.22
N ALA A 330 -43.00 22.64 -6.62
CA ALA A 330 -44.41 22.88 -6.32
C ALA A 330 -44.64 22.91 -4.82
N ALA A 331 -43.94 22.04 -4.08
CA ALA A 331 -44.08 21.98 -2.63
C ALA A 331 -43.43 23.18 -1.96
N ILE A 332 -42.25 23.59 -2.44
CA ILE A 332 -41.63 24.83 -1.98
C ILE A 332 -42.61 25.98 -2.12
N ALA A 333 -43.34 26.04 -3.23
CA ALA A 333 -44.25 27.15 -3.48
C ALA A 333 -45.30 27.31 -2.39
N THR A 334 -45.55 26.27 -1.61
CA THR A 334 -46.62 26.29 -0.63
C THR A 334 -46.14 26.55 0.80
N MET A 335 -44.82 26.60 1.04
CA MET A 335 -44.33 26.79 2.39
C MET A 335 -43.88 28.23 2.62
N PRO A 336 -43.84 28.66 3.88
CA PRO A 336 -43.43 30.04 4.17
C PRO A 336 -41.96 30.24 3.82
N ALA A 337 -41.65 31.43 3.31
CA ALA A 337 -40.30 31.76 2.85
C ALA A 337 -39.95 30.99 1.58
N SER A 338 -40.94 30.85 0.68
CA SER A 338 -40.74 30.02 -0.49
C SER A 338 -39.57 30.49 -1.34
N THR A 339 -39.47 31.80 -1.57
CA THR A 339 -38.39 32.36 -2.38
C THR A 339 -37.01 31.91 -1.87
N PHE A 340 -36.85 31.76 -0.56
CA PHE A 340 -35.55 31.32 -0.05
C PHE A 340 -35.27 29.87 -0.42
N TRP A 341 -36.25 28.98 -0.20
CA TRP A 341 -36.02 27.56 -0.47
C TRP A 341 -35.74 27.32 -1.95
N ALA A 342 -36.38 28.08 -2.83
CA ALA A 342 -36.15 27.91 -4.26
C ALA A 342 -34.75 28.37 -4.64
N LEU A 343 -34.38 29.58 -4.24
CA LEU A 343 -33.06 30.10 -4.60
C LEU A 343 -31.96 29.11 -4.21
N ILE A 344 -32.00 28.60 -2.99
CA ILE A 344 -30.91 27.71 -2.57
C ILE A 344 -31.06 26.33 -3.19
N PHE A 345 -32.29 25.92 -3.50
CA PHE A 345 -32.51 24.60 -4.08
C PHE A 345 -31.96 24.53 -5.51
N PHE A 346 -32.22 25.57 -6.31
CA PHE A 346 -31.68 25.59 -7.65
C PHE A 346 -30.19 25.86 -7.65
N MET A 347 -29.68 26.66 -6.71
CA MET A 347 -28.24 26.81 -6.65
C MET A 347 -27.58 25.48 -6.26
N MET A 348 -28.27 24.66 -5.46
CA MET A 348 -27.80 23.31 -5.16
C MET A 348 -27.79 22.43 -6.40
N LEU A 349 -28.90 22.47 -7.17
CA LEU A 349 -28.96 21.68 -8.39
C LEU A 349 -27.83 22.05 -9.36
N ALA A 350 -27.54 23.35 -9.49
CA ALA A 350 -26.47 23.74 -10.40
C ALA A 350 -25.11 23.26 -9.88
N THR A 351 -24.81 23.54 -8.60
CA THR A 351 -23.52 23.10 -8.06
C THR A 351 -23.42 21.58 -8.02
N LEU A 352 -24.54 20.87 -7.91
CA LEU A 352 -24.50 19.42 -8.00
C LEU A 352 -24.04 18.96 -9.37
N GLY A 353 -24.33 19.75 -10.41
CA GLY A 353 -23.98 19.34 -11.76
C GLY A 353 -22.63 19.84 -12.20
N LEU A 354 -22.29 21.08 -11.83
CA LEU A 354 -21.02 21.67 -12.23
C LEU A 354 -19.85 20.76 -11.85
N ASP A 355 -19.77 20.36 -10.57
CA ASP A 355 -18.81 19.35 -10.13
C ASP A 355 -18.58 18.27 -11.18
N SER A 356 -19.67 17.73 -11.72
CA SER A 356 -19.59 16.55 -12.58
C SER A 356 -19.27 16.90 -14.02
N SER A 357 -19.81 18.01 -14.52
CA SER A 357 -19.40 18.54 -15.82
C SER A 357 -17.89 18.78 -15.84
N PHE A 358 -17.36 19.43 -14.80
CA PHE A 358 -15.92 19.62 -14.66
C PHE A 358 -15.17 18.32 -14.96
N GLY A 359 -15.53 17.25 -14.25
CA GLY A 359 -14.80 16.01 -14.38
C GLY A 359 -14.88 15.43 -15.78
N GLY A 360 -16.05 15.51 -16.41
CA GLY A 360 -16.16 15.03 -17.79
C GLY A 360 -15.23 15.76 -18.73
N SER A 361 -15.16 17.09 -18.62
CA SER A 361 -14.27 17.85 -19.49
C SER A 361 -12.81 17.52 -19.19
N GLU A 362 -12.46 17.37 -17.91
CA GLU A 362 -11.07 17.12 -17.56
C GLU A 362 -10.59 15.80 -18.14
N ALA A 363 -11.45 14.78 -18.13
CA ALA A 363 -11.08 13.50 -18.70
C ALA A 363 -10.68 13.63 -20.16
N ILE A 364 -11.24 14.63 -20.86
CA ILE A 364 -10.86 14.89 -22.24
C ILE A 364 -9.59 15.74 -22.31
N ILE A 365 -9.60 16.91 -21.66
CA ILE A 365 -8.43 17.78 -21.66
C ILE A 365 -7.18 17.00 -21.26
N THR A 366 -7.28 16.21 -20.19
CA THR A 366 -6.13 15.44 -19.75
C THR A 366 -5.73 14.41 -20.81
N ALA A 367 -6.65 13.57 -21.24
CA ALA A 367 -6.30 12.55 -22.22
C ALA A 367 -5.64 13.16 -23.45
N LEU A 368 -6.19 14.26 -23.95
CA LEU A 368 -5.63 14.89 -25.13
C LEU A 368 -4.33 15.62 -24.82
N SER A 369 -4.26 16.31 -23.67
CA SER A 369 -3.01 16.95 -23.31
C SER A 369 -1.87 15.95 -23.21
N ASP A 370 -2.18 14.69 -22.92
CA ASP A 370 -1.15 13.68 -22.70
C ASP A 370 -0.82 12.89 -23.97
N GLU A 371 -1.58 13.06 -25.04
CA GLU A 371 -1.23 12.44 -26.32
C GLU A 371 -0.82 13.44 -27.38
N PHE A 372 -1.06 14.73 -27.16
CA PHE A 372 -0.82 15.76 -28.15
C PHE A 372 -0.26 16.98 -27.43
N PRO A 373 1.07 17.11 -27.39
CA PRO A 373 1.67 18.24 -26.65
C PRO A 373 1.24 19.58 -27.20
N LYS A 374 0.95 19.66 -28.50
CA LYS A 374 0.36 20.88 -29.05
C LYS A 374 -0.81 21.33 -28.20
N ILE A 375 -1.64 20.39 -27.75
CA ILE A 375 -2.79 20.71 -26.91
C ILE A 375 -2.34 21.07 -25.50
N LYS A 376 -1.41 20.30 -24.94
CA LYS A 376 -0.98 20.57 -23.57
C LYS A 376 -0.33 21.94 -23.44
N ARG A 377 0.37 22.38 -24.49
CA ARG A 377 1.02 23.69 -24.45
C ARG A 377 0.01 24.84 -24.56
N ASN A 378 -1.13 24.59 -25.21
CA ASN A 378 -2.16 25.62 -25.39
C ASN A 378 -3.45 25.14 -24.75
N ARG A 379 -3.47 25.01 -23.42
CA ARG A 379 -4.67 24.56 -22.74
C ARG A 379 -5.79 25.59 -22.88
N GLU A 380 -5.60 26.79 -22.32
CA GLU A 380 -6.62 27.83 -22.41
C GLU A 380 -7.16 27.92 -23.84
N LEU A 381 -6.26 27.89 -24.83
CA LEU A 381 -6.70 27.85 -26.22
C LEU A 381 -7.66 26.69 -26.45
N PHE A 382 -7.16 25.46 -26.26
CA PHE A 382 -7.96 24.27 -26.56
C PHE A 382 -9.29 24.27 -25.82
N VAL A 383 -9.27 24.54 -24.51
CA VAL A 383 -10.52 24.46 -23.77
C VAL A 383 -11.53 25.45 -24.32
N ALA A 384 -11.09 26.68 -24.61
CA ALA A 384 -11.98 27.67 -25.23
C ALA A 384 -12.61 27.13 -26.50
N GLY A 385 -11.84 26.38 -27.30
CA GLY A 385 -12.40 25.82 -28.52
C GLY A 385 -13.32 24.65 -28.27
N LEU A 386 -13.06 23.88 -27.21
CA LEU A 386 -13.95 22.78 -26.86
C LEU A 386 -15.29 23.29 -26.37
N PHE A 387 -15.29 24.21 -25.39
CA PHE A 387 -16.56 24.70 -24.87
C PHE A 387 -17.33 25.53 -25.90
N SER A 388 -16.68 25.97 -26.99
CA SER A 388 -17.41 26.69 -28.02
C SER A 388 -18.14 25.72 -28.94
N LEU A 389 -17.53 24.59 -29.28
CA LEU A 389 -18.24 23.54 -30.00
C LEU A 389 -19.39 23.00 -29.15
N TYR A 390 -19.13 22.73 -27.87
CA TYR A 390 -20.20 22.35 -26.94
C TYR A 390 -21.36 23.34 -26.98
N PHE A 391 -21.04 24.64 -26.90
CA PHE A 391 -22.10 25.65 -26.85
C PHE A 391 -22.82 25.77 -28.20
N VAL A 392 -22.06 25.81 -29.29
CA VAL A 392 -22.67 26.04 -30.61
C VAL A 392 -23.68 24.94 -30.92
N VAL A 393 -23.23 23.69 -30.92
CA VAL A 393 -24.18 22.60 -31.11
C VAL A 393 -25.13 22.48 -29.92
N GLY A 394 -24.73 22.98 -28.75
CA GLY A 394 -25.62 22.98 -27.61
C GLY A 394 -26.89 23.78 -27.85
N LEU A 395 -26.80 24.83 -28.66
CA LEU A 395 -27.97 25.61 -29.04
C LEU A 395 -29.08 24.76 -29.63
N ALA A 396 -28.75 23.62 -30.24
CA ALA A 396 -29.81 22.73 -30.73
C ALA A 396 -30.73 22.32 -29.59
N SER A 397 -30.21 22.22 -28.38
CA SER A 397 -30.99 21.78 -27.24
C SER A 397 -31.75 22.91 -26.56
N CYS A 398 -31.47 24.17 -26.92
CA CYS A 398 -32.20 25.33 -26.42
C CYS A 398 -33.39 25.71 -27.30
N THR A 399 -33.72 24.88 -28.29
CA THR A 399 -34.86 25.13 -29.14
C THR A 399 -36.13 24.57 -28.50
N GLN A 400 -37.28 24.98 -29.03
CA GLN A 400 -38.55 24.59 -28.43
C GLN A 400 -38.67 23.07 -28.34
N GLY A 401 -38.21 22.36 -29.35
CA GLY A 401 -38.22 20.91 -29.32
C GLY A 401 -36.95 20.33 -28.75
N GLY A 402 -36.16 21.19 -28.09
CA GLY A 402 -34.84 20.79 -27.66
C GLY A 402 -34.81 19.55 -26.79
N PHE A 403 -35.84 19.37 -25.95
CA PHE A 403 -35.87 18.21 -25.07
C PHE A 403 -35.85 16.92 -25.88
N TYR A 404 -36.55 16.88 -27.01
CA TYR A 404 -36.53 15.68 -27.85
C TYR A 404 -35.09 15.33 -28.23
N PHE A 405 -34.28 16.34 -28.51
CA PHE A 405 -32.88 16.11 -28.82
C PHE A 405 -32.14 15.57 -27.60
N LEU A 406 -32.29 16.23 -26.45
CA LEU A 406 -31.64 15.79 -25.22
C LEU A 406 -31.96 14.33 -24.93
N HIS A 407 -33.24 14.01 -24.83
CA HIS A 407 -33.69 12.66 -24.53
C HIS A 407 -32.96 11.65 -25.41
N LEU A 408 -32.81 11.96 -26.70
CA LEU A 408 -32.09 11.07 -27.60
C LEU A 408 -30.65 10.89 -27.14
N LEU A 409 -29.90 12.00 -27.02
CA LEU A 409 -28.52 11.91 -26.55
C LEU A 409 -28.44 11.14 -25.25
N ASP A 410 -29.33 11.44 -24.31
CA ASP A 410 -29.27 10.83 -22.98
C ASP A 410 -29.32 9.32 -23.06
N ARG A 411 -30.15 8.77 -23.94
CA ARG A 411 -30.26 7.32 -24.01
C ARG A 411 -29.07 6.68 -24.71
N TYR A 412 -28.46 7.36 -25.67
CA TYR A 412 -27.47 6.75 -26.55
C TYR A 412 -26.04 7.18 -26.28
N ALA A 413 -25.80 8.45 -25.91
CA ALA A 413 -24.44 8.95 -25.78
C ALA A 413 -23.59 8.01 -24.92
N ALA A 414 -24.06 7.70 -23.72
CA ALA A 414 -23.35 6.81 -22.81
C ALA A 414 -24.28 5.71 -22.34
N GLY A 415 -25.01 5.12 -23.27
CA GLY A 415 -25.94 4.07 -22.92
C GLY A 415 -25.24 2.74 -22.81
N TYR A 416 -25.32 1.95 -23.87
CA TYR A 416 -24.59 0.70 -23.90
C TYR A 416 -23.10 0.90 -24.14
N SER A 417 -22.71 2.05 -24.70
CA SER A 417 -21.30 2.29 -24.98
C SER A 417 -20.46 2.13 -23.72
N ILE A 418 -20.85 2.81 -22.63
CA ILE A 418 -20.02 2.84 -21.43
C ILE A 418 -19.97 1.47 -20.77
N LEU A 419 -21.08 0.72 -20.77
CA LEU A 419 -21.02 -0.64 -20.26
C LEU A 419 -19.98 -1.46 -21.01
N VAL A 420 -20.00 -1.41 -22.32
CA VAL A 420 -19.02 -2.20 -23.11
C VAL A 420 -17.62 -1.69 -22.80
N ALA A 421 -17.42 -0.39 -22.84
CA ALA A 421 -16.10 0.22 -22.58
C ALA A 421 -15.52 -0.29 -21.28
N VAL A 422 -16.23 -0.16 -20.17
CA VAL A 422 -15.59 -0.59 -18.91
C VAL A 422 -15.56 -2.11 -18.81
N PHE A 423 -16.44 -2.81 -19.50
CA PHE A 423 -16.31 -4.29 -19.49
C PHE A 423 -14.95 -4.63 -20.09
N PHE A 424 -14.54 -3.92 -21.13
CA PHE A 424 -13.21 -4.24 -21.66
C PHE A 424 -12.11 -3.73 -20.74
N GLU A 425 -12.37 -2.69 -19.95
CA GLU A 425 -11.39 -2.26 -18.96
C GLU A 425 -11.15 -3.35 -17.92
N ALA A 426 -12.24 -3.93 -17.39
CA ALA A 426 -12.09 -4.98 -16.39
C ALA A 426 -11.29 -6.16 -16.95
N ILE A 427 -11.58 -6.54 -18.21
CA ILE A 427 -10.88 -7.67 -18.81
C ILE A 427 -9.41 -7.33 -19.04
N ALA A 428 -9.14 -6.15 -19.58
CA ALA A 428 -7.75 -5.77 -19.85
C ALA A 428 -6.89 -5.87 -18.59
N VAL A 429 -7.25 -5.14 -17.54
CA VAL A 429 -6.38 -5.08 -16.37
C VAL A 429 -6.29 -6.44 -15.70
N SER A 430 -7.40 -7.18 -15.63
CA SER A 430 -7.43 -8.41 -14.84
C SER A 430 -6.88 -9.61 -15.59
N TRP A 431 -7.06 -9.65 -16.92
CA TRP A 431 -6.72 -10.85 -17.67
C TRP A 431 -5.59 -10.68 -18.66
N ILE A 432 -5.44 -9.52 -19.29
CA ILE A 432 -4.32 -9.33 -20.20
C ILE A 432 -3.13 -8.77 -19.42
N TYR A 433 -3.30 -7.61 -18.81
CA TYR A 433 -2.26 -7.06 -17.96
C TYR A 433 -1.99 -7.97 -16.78
N GLY A 434 -3.05 -8.49 -16.15
CA GLY A 434 -2.92 -9.43 -15.06
C GLY A 434 -3.09 -8.82 -13.69
N THR A 435 -3.99 -9.40 -12.88
CA THR A 435 -4.13 -8.96 -11.49
C THR A 435 -2.80 -9.03 -10.75
N ASN A 436 -1.95 -10.00 -11.09
CA ASN A 436 -0.60 -10.05 -10.53
C ASN A 436 0.14 -8.74 -10.78
N ARG A 437 0.33 -8.40 -12.06
CA ARG A 437 0.99 -7.16 -12.42
C ARG A 437 0.32 -5.96 -11.74
N PHE A 438 -1.01 -6.02 -11.61
CA PHE A 438 -1.79 -4.94 -11.03
C PHE A 438 -1.62 -4.87 -9.51
N SER A 439 -1.82 -6.00 -8.82
CA SER A 439 -1.57 -6.03 -7.39
C SER A 439 -0.15 -5.61 -7.07
N GLU A 440 0.82 -6.08 -7.87
CA GLU A 440 2.21 -5.69 -7.65
C GLU A 440 2.40 -4.18 -7.75
N ASP A 441 1.81 -3.57 -8.78
CA ASP A 441 1.89 -2.11 -8.90
C ASP A 441 1.30 -1.43 -7.67
N ILE A 442 0.16 -1.91 -7.20
CA ILE A 442 -0.46 -1.28 -6.03
C ILE A 442 0.44 -1.42 -4.80
N ARG A 443 1.01 -2.61 -4.59
CA ARG A 443 1.93 -2.78 -3.48
C ARG A 443 3.08 -1.78 -3.55
N ASP A 444 3.51 -1.45 -4.77
CA ASP A 444 4.64 -0.54 -4.87
C ASP A 444 4.22 0.88 -4.49
N MET A 445 2.94 1.21 -4.66
CA MET A 445 2.44 2.53 -4.34
C MET A 445 2.12 2.69 -2.84
N ILE A 446 1.31 1.78 -2.29
CA ILE A 446 0.75 2.00 -0.96
C ILE A 446 1.33 1.07 0.10
N GLY A 447 2.26 0.20 -0.26
CA GLY A 447 2.95 -0.64 0.69
C GLY A 447 2.48 -2.08 0.76
N PHE A 448 1.26 -2.36 0.29
CA PHE A 448 0.67 -3.68 0.46
C PHE A 448 -0.17 -4.03 -0.76
N PRO A 449 -0.37 -5.32 -1.02
CA PRO A 449 -1.17 -5.71 -2.18
C PRO A 449 -2.65 -5.66 -1.86
N PRO A 450 -3.50 -5.52 -2.87
CA PRO A 450 -4.95 -5.61 -2.63
C PRO A 450 -5.30 -6.98 -2.07
N GLY A 451 -6.26 -7.01 -1.16
CA GLY A 451 -6.73 -8.26 -0.62
C GLY A 451 -7.18 -9.23 -1.70
N ARG A 452 -7.27 -10.51 -1.32
CA ARG A 452 -7.80 -11.49 -2.25
C ARG A 452 -9.20 -11.13 -2.70
N TYR A 453 -9.97 -10.51 -1.81
CA TYR A 453 -11.32 -10.09 -2.15
C TYR A 453 -11.35 -9.26 -3.42
N TRP A 454 -10.53 -8.22 -3.47
CA TRP A 454 -10.55 -7.33 -4.64
C TRP A 454 -10.10 -8.06 -5.89
N GLN A 455 -9.00 -8.81 -5.80
CA GLN A 455 -8.54 -9.59 -6.94
C GLN A 455 -9.68 -10.45 -7.51
N VAL A 456 -10.49 -11.03 -6.63
CA VAL A 456 -11.60 -11.85 -7.12
C VAL A 456 -12.66 -10.98 -7.77
N CYS A 457 -13.01 -9.84 -7.14
CA CYS A 457 -14.03 -8.96 -7.71
C CYS A 457 -13.59 -8.38 -9.05
N TRP A 458 -12.32 -7.97 -9.16
CA TRP A 458 -11.84 -7.47 -10.44
C TRP A 458 -11.81 -8.56 -11.51
N ARG A 459 -11.72 -9.81 -11.09
CA ARG A 459 -11.45 -10.89 -12.02
C ARG A 459 -12.73 -11.58 -12.49
N PHE A 460 -13.70 -11.76 -11.60
CA PHE A 460 -14.90 -12.53 -11.93
C PHE A 460 -16.17 -11.75 -11.65
N VAL A 461 -16.32 -11.22 -10.43
CA VAL A 461 -17.57 -10.58 -10.04
C VAL A 461 -17.86 -9.37 -10.94
N ALA A 462 -16.88 -8.49 -11.11
CA ALA A 462 -17.10 -7.24 -11.84
C ALA A 462 -17.66 -7.52 -13.24
N PRO A 463 -16.98 -8.31 -14.06
CA PRO A 463 -17.49 -8.53 -15.43
C PRO A 463 -18.87 -9.19 -15.48
N ILE A 464 -19.17 -10.12 -14.56
CA ILE A 464 -20.52 -10.67 -14.52
C ILE A 464 -21.52 -9.61 -14.06
N PHE A 465 -21.18 -8.89 -12.99
CA PHE A 465 -21.93 -7.71 -12.60
C PHE A 465 -22.20 -6.80 -13.79
N LEU A 466 -21.16 -6.58 -14.61
CA LEU A 466 -21.29 -5.62 -15.70
C LEU A 466 -22.25 -6.11 -16.76
N LEU A 467 -22.08 -7.34 -17.24
CA LEU A 467 -22.99 -7.79 -18.28
C LEU A 467 -24.30 -8.34 -17.72
N PHE A 468 -24.36 -8.67 -16.43
CA PHE A 468 -25.66 -8.78 -15.76
C PHE A 468 -26.49 -7.55 -16.03
N ILE A 469 -25.85 -6.37 -16.02
CA ILE A 469 -26.56 -5.14 -16.31
C ILE A 469 -26.92 -5.06 -17.80
N THR A 470 -25.95 -5.37 -18.67
CA THR A 470 -26.17 -5.22 -20.11
C THR A 470 -27.17 -6.23 -20.65
N VAL A 471 -27.20 -7.45 -20.09
CA VAL A 471 -28.13 -8.46 -20.60
C VAL A 471 -29.56 -8.08 -20.27
N TYR A 472 -29.83 -7.73 -19.00
CA TYR A 472 -31.18 -7.24 -18.68
C TYR A 472 -31.47 -5.91 -19.36
N GLY A 473 -30.45 -5.12 -19.64
CA GLY A 473 -30.65 -3.91 -20.43
C GLY A 473 -31.17 -4.26 -21.82
N LEU A 474 -30.40 -5.05 -22.58
CA LEU A 474 -30.86 -5.47 -23.90
C LEU A 474 -32.22 -6.15 -23.80
N ILE A 475 -32.38 -7.09 -22.87
CA ILE A 475 -33.61 -7.86 -22.73
C ILE A 475 -34.83 -7.00 -22.47
N GLY A 476 -34.66 -5.70 -22.21
CA GLY A 476 -35.78 -4.83 -21.97
C GLY A 476 -35.81 -3.62 -22.88
N TYR A 477 -35.15 -3.72 -24.04
CA TYR A 477 -35.10 -2.62 -24.99
C TYR A 477 -36.51 -2.22 -25.39
N GLU A 478 -36.65 -0.95 -25.80
CA GLU A 478 -37.89 -0.39 -26.34
C GLU A 478 -37.54 0.81 -27.20
N PRO A 479 -38.09 0.94 -28.41
CA PRO A 479 -37.75 2.08 -29.26
C PRO A 479 -37.98 3.40 -28.52
N LEU A 480 -37.22 4.42 -28.93
CA LEU A 480 -37.21 5.66 -28.17
C LEU A 480 -38.55 6.37 -28.27
N THR A 481 -39.14 6.68 -27.12
CA THR A 481 -40.42 7.33 -27.06
C THR A 481 -40.43 8.34 -25.93
N TYR A 482 -41.30 9.34 -26.05
CA TYR A 482 -41.55 10.26 -24.94
C TYR A 482 -43.03 10.62 -24.97
N ALA A 483 -43.76 10.21 -23.92
CA ALA A 483 -45.12 10.64 -23.66
C ALA A 483 -46.01 10.76 -24.90
N ASP A 484 -46.23 9.64 -25.58
CA ASP A 484 -47.10 9.52 -26.74
C ASP A 484 -46.39 9.88 -28.02
N TYR A 485 -45.19 10.48 -27.96
CA TYR A 485 -44.41 10.75 -29.17
C TYR A 485 -43.50 9.56 -29.44
N VAL A 486 -43.45 9.10 -30.69
CA VAL A 486 -42.61 7.98 -31.08
C VAL A 486 -41.55 8.50 -32.04
N TYR A 487 -40.28 8.34 -31.66
CA TYR A 487 -39.21 8.84 -32.50
C TYR A 487 -39.20 8.09 -33.83
N PRO A 488 -38.93 8.77 -34.93
CA PRO A 488 -38.89 8.08 -36.22
C PRO A 488 -37.78 7.03 -36.22
N SER A 489 -37.94 6.05 -37.10
CA SER A 489 -36.91 5.02 -37.25
C SER A 489 -35.55 5.65 -37.53
N TRP A 490 -35.51 6.73 -38.29
CA TRP A 490 -34.23 7.34 -38.60
C TRP A 490 -33.58 7.95 -37.37
N ALA A 491 -34.38 8.52 -36.47
CA ALA A 491 -33.81 9.08 -35.24
C ALA A 491 -33.19 7.99 -34.39
N ASN A 492 -33.92 6.90 -34.15
CA ASN A 492 -33.36 5.76 -33.45
C ASN A 492 -32.02 5.36 -34.05
N ALA A 493 -31.99 5.07 -35.35
CA ALA A 493 -30.75 4.61 -35.97
C ALA A 493 -29.64 5.65 -35.80
N LEU A 494 -29.98 6.94 -35.90
CA LEU A 494 -28.99 7.99 -35.68
C LEU A 494 -28.34 7.86 -34.31
N GLY A 495 -29.11 7.49 -33.30
CA GLY A 495 -28.54 7.32 -31.98
C GLY A 495 -27.55 6.16 -31.93
N TRP A 496 -27.88 5.08 -32.62
CA TRP A 496 -26.98 3.92 -32.68
C TRP A 496 -25.62 4.31 -33.23
N CYS A 497 -25.56 5.28 -34.15
CA CYS A 497 -24.26 5.77 -34.59
C CYS A 497 -23.51 6.42 -33.44
N ILE A 498 -24.18 7.31 -32.70
CA ILE A 498 -23.58 7.90 -31.51
C ILE A 498 -23.11 6.80 -30.56
N ALA A 499 -24.01 5.87 -30.23
CA ALA A 499 -23.68 4.78 -29.32
C ALA A 499 -22.46 4.01 -29.79
N GLY A 500 -22.50 3.51 -31.02
CA GLY A 500 -21.44 2.69 -31.54
C GLY A 500 -20.21 3.43 -32.02
N SER A 501 -20.30 4.75 -32.21
CA SER A 501 -19.11 5.45 -32.67
C SER A 501 -17.99 5.41 -31.64
N SER A 502 -18.31 5.26 -30.35
CA SER A 502 -17.25 5.12 -29.36
C SER A 502 -16.79 3.67 -29.24
N VAL A 503 -17.74 2.76 -29.01
CA VAL A 503 -17.43 1.33 -28.89
C VAL A 503 -16.56 0.86 -30.05
N VAL A 504 -16.81 1.36 -31.27
CA VAL A 504 -16.08 0.85 -32.43
C VAL A 504 -14.59 1.17 -32.32
N MET A 505 -14.24 2.25 -31.60
CA MET A 505 -12.84 2.61 -31.43
C MET A 505 -12.03 1.44 -30.86
N ILE A 506 -12.65 0.60 -30.05
CA ILE A 506 -11.98 -0.54 -29.44
C ILE A 506 -11.54 -1.52 -30.54
N PRO A 507 -12.47 -2.18 -31.25
CA PRO A 507 -12.02 -3.13 -32.28
C PRO A 507 -11.30 -2.46 -33.43
N ALA A 508 -11.67 -1.22 -33.78
CA ALA A 508 -10.98 -0.52 -34.85
C ALA A 508 -9.52 -0.30 -34.52
N VAL A 509 -9.22 0.31 -33.37
CA VAL A 509 -7.83 0.58 -33.03
C VAL A 509 -7.08 -0.72 -32.83
N ALA A 510 -7.70 -1.72 -32.21
CA ALA A 510 -7.11 -3.05 -32.18
C ALA A 510 -6.72 -3.50 -33.58
N ILE A 511 -7.71 -3.63 -34.47
CA ILE A 511 -7.44 -4.01 -35.87
C ILE A 511 -6.38 -3.10 -36.49
N PHE A 512 -6.52 -1.79 -36.29
CA PHE A 512 -5.61 -0.85 -36.94
C PHE A 512 -4.15 -1.16 -36.63
N LYS A 513 -3.83 -1.37 -35.35
CA LYS A 513 -2.43 -1.55 -34.98
C LYS A 513 -2.03 -3.01 -34.82
N LEU A 514 -2.99 -3.91 -34.59
CA LEU A 514 -2.67 -5.33 -34.71
C LEU A 514 -2.08 -5.62 -36.07
N LEU A 515 -2.65 -5.00 -37.10
CA LEU A 515 -2.13 -5.10 -38.47
C LEU A 515 -0.91 -4.22 -38.70
N SER A 516 -0.42 -3.51 -37.69
CA SER A 516 0.72 -2.61 -37.89
C SER A 516 2.00 -3.06 -37.20
N THR A 517 1.97 -4.15 -36.45
CA THR A 517 3.22 -4.67 -35.93
C THR A 517 3.72 -5.82 -36.80
N PRO A 518 5.02 -6.07 -36.83
CA PRO A 518 5.55 -7.12 -37.70
C PRO A 518 5.74 -8.48 -37.02
N GLY A 519 5.62 -9.55 -37.80
CA GLY A 519 5.95 -10.89 -37.34
C GLY A 519 4.74 -11.80 -37.36
N SER A 520 4.95 -13.00 -36.80
CA SER A 520 3.89 -13.98 -36.63
C SER A 520 2.73 -13.38 -35.85
N LEU A 521 1.53 -13.95 -35.99
CA LEU A 521 0.41 -13.51 -35.14
C LEU A 521 0.80 -13.57 -33.67
N ARG A 522 1.36 -14.71 -33.23
CA ARG A 522 1.78 -14.83 -31.84
C ARG A 522 2.84 -13.78 -31.50
N GLN A 523 3.77 -13.52 -32.41
CA GLN A 523 4.79 -12.51 -32.18
C GLN A 523 4.24 -11.09 -32.18
N ARG A 524 3.02 -10.89 -32.68
CA ARG A 524 2.41 -9.57 -32.72
C ARG A 524 1.52 -9.29 -31.52
N PHE A 525 0.76 -10.31 -31.08
CA PHE A 525 0.05 -10.19 -29.82
C PHE A 525 1.01 -9.90 -28.68
N THR A 526 2.04 -10.75 -28.52
CA THR A 526 2.99 -10.55 -27.43
C THR A 526 3.61 -9.16 -27.46
N ILE A 527 3.82 -8.60 -28.66
CA ILE A 527 4.29 -7.22 -28.74
C ILE A 527 3.18 -6.27 -28.30
N LEU A 528 1.95 -6.57 -28.67
CA LEU A 528 0.84 -5.66 -28.39
C LEU A 528 0.23 -5.88 -27.01
N THR A 529 0.61 -6.95 -26.31
CA THR A 529 0.15 -7.17 -24.96
C THR A 529 1.30 -7.15 -23.95
N THR A 530 2.50 -6.73 -24.36
CA THR A 530 3.53 -6.44 -23.38
C THR A 530 3.36 -5.00 -22.93
N PRO A 531 3.09 -4.76 -21.65
CA PRO A 531 2.91 -3.39 -21.16
C PRO A 531 4.06 -2.49 -21.50
N TRP A 532 3.85 -1.19 -21.32
CA TRP A 532 4.90 -0.22 -21.57
C TRP A 532 5.98 -0.27 -20.49
N ARG A 533 5.57 -0.45 -19.22
CA ARG A 533 6.55 -0.59 -18.13
C ARG A 533 7.39 -1.85 -18.30
N ASP A 534 6.75 -2.98 -18.60
CA ASP A 534 7.45 -4.26 -18.76
C ASP A 534 8.45 -4.24 -19.90
N GLN A 535 8.52 -3.15 -20.66
CA GLN A 535 9.45 -3.05 -21.78
C GLN A 535 10.49 -1.95 -21.56
N GLN A 536 10.76 -1.59 -20.31
CA GLN A 536 11.76 -0.57 -20.00
C GLN A 536 12.98 -1.21 -19.33
N GLU B 1 19.03 9.44 3.48
CA GLU B 1 18.92 8.25 4.33
C GLU B 1 18.41 8.56 5.75
N ASN B 2 17.43 7.77 6.20
CA ASN B 2 16.80 7.98 7.50
C ASN B 2 17.55 7.20 8.56
N VAL B 3 18.31 7.89 9.39
CA VAL B 3 19.20 7.25 10.35
C VAL B 3 18.45 7.02 11.66
N LEU B 4 18.49 5.78 12.16
CA LEU B 4 17.77 5.42 13.39
C LEU B 4 18.77 5.06 14.49
N THR B 5 18.78 5.85 15.55
CA THR B 5 19.67 5.65 16.68
C THR B 5 18.87 5.08 17.84
N GLN B 6 19.47 4.14 18.57
CA GLN B 6 18.82 3.46 19.68
C GLN B 6 19.60 3.65 20.98
N SER B 7 18.85 3.71 22.09
CA SER B 7 19.43 3.89 23.41
C SER B 7 18.67 3.04 24.44
N PRO B 8 19.38 2.45 25.41
CA PRO B 8 20.84 2.42 25.45
C PRO B 8 21.40 1.41 24.48
N ALA B 9 22.73 1.36 24.32
CA ALA B 9 23.36 0.38 23.44
C ALA B 9 23.41 -0.99 24.11
N ILE B 10 24.06 -1.08 25.27
CA ILE B 10 23.95 -2.24 26.15
C ILE B 10 23.16 -1.80 27.38
N MET B 11 22.43 -2.75 27.97
CA MET B 11 21.61 -2.43 29.14
C MET B 11 21.32 -3.71 29.91
N SER B 12 21.50 -3.66 31.23
CA SER B 12 21.28 -4.80 32.11
C SER B 12 19.99 -4.63 32.89
N THR B 13 19.32 -5.75 33.15
CA THR B 13 18.11 -5.74 33.93
C THR B 13 17.97 -7.08 34.65
N SER B 14 17.29 -7.06 35.80
CA SER B 14 17.03 -8.25 36.58
C SER B 14 15.65 -8.80 36.25
N PRO B 15 15.50 -10.12 36.17
CA PRO B 15 14.20 -10.69 35.79
C PRO B 15 13.09 -10.18 36.68
N GLY B 16 12.00 -9.72 36.05
CA GLY B 16 10.87 -9.12 36.71
C GLY B 16 10.84 -7.62 36.60
N GLU B 17 12.02 -6.99 36.51
CA GLU B 17 12.11 -5.55 36.38
C GLU B 17 11.49 -5.10 35.06
N LYS B 18 11.24 -3.80 34.96
CA LYS B 18 10.71 -3.22 33.74
C LYS B 18 11.86 -2.64 32.94
N VAL B 19 11.92 -3.00 31.65
CA VAL B 19 12.95 -2.52 30.75
C VAL B 19 12.27 -1.72 29.64
N THR B 20 12.87 -0.60 29.27
CA THR B 20 12.37 0.21 28.18
C THR B 20 13.53 0.78 27.37
N MET B 21 13.36 0.78 26.04
CA MET B 21 14.42 1.15 25.11
C MET B 21 13.82 1.98 23.99
N THR B 22 14.62 2.89 23.43
CA THR B 22 14.09 3.92 22.53
C THR B 22 14.75 3.89 21.15
N CYS B 23 14.05 4.47 20.17
CA CYS B 23 14.44 4.49 18.76
C CYS B 23 14.18 5.89 18.21
N ARG B 24 15.24 6.60 17.79
CA ARG B 24 15.09 7.97 17.30
C ARG B 24 15.51 8.05 15.84
N ALA B 25 14.61 8.57 15.01
CA ALA B 25 14.80 8.63 13.57
C ALA B 25 15.22 10.03 13.14
N SER B 26 16.14 10.08 12.17
CA SER B 26 16.55 11.36 11.60
C SER B 26 15.36 12.15 11.11
N SER B 27 14.34 11.47 10.60
CA SER B 27 13.20 12.09 9.92
C SER B 27 11.95 11.32 10.29
N SER B 28 10.83 12.03 10.34
CA SER B 28 9.57 11.43 10.76
C SER B 28 9.30 10.12 10.03
N VAL B 29 8.65 9.20 10.72
CA VAL B 29 8.28 7.90 10.17
C VAL B 29 6.83 7.63 10.54
N GLY B 30 6.00 7.32 9.54
CA GLY B 30 4.62 6.97 9.82
C GLY B 30 4.54 5.72 10.67
N SER B 31 3.62 5.76 11.63
CA SER B 31 3.58 4.71 12.65
C SER B 31 3.30 3.33 12.05
N SER B 32 2.72 3.26 10.85
CA SER B 32 2.47 1.96 10.27
C SER B 32 3.72 1.34 9.67
N TYR B 33 4.81 2.11 9.56
CA TYR B 33 6.02 1.68 8.88
C TYR B 33 7.20 1.44 9.84
N LEU B 34 6.97 1.36 11.14
CA LEU B 34 8.04 1.16 12.11
C LEU B 34 7.89 -0.18 12.80
N HIS B 35 8.95 -0.98 12.78
CA HIS B 35 8.88 -2.35 13.28
C HIS B 35 10.06 -2.63 14.20
N TRP B 36 10.02 -3.79 14.86
CA TRP B 36 11.03 -4.19 15.82
C TRP B 36 11.40 -5.65 15.56
N TYR B 37 12.69 -5.96 15.66
CA TYR B 37 13.19 -7.31 15.48
C TYR B 37 13.96 -7.71 16.73
N GLN B 38 13.83 -8.97 17.10
CA GLN B 38 14.62 -9.54 18.18
C GLN B 38 15.63 -10.50 17.57
N GLN B 39 16.87 -10.43 18.01
CA GLN B 39 17.91 -11.33 17.53
C GLN B 39 18.69 -11.86 18.74
N LYS B 40 18.57 -13.17 18.97
CA LYS B 40 19.35 -13.84 19.99
C LYS B 40 20.72 -14.23 19.46
N SER B 41 21.69 -14.25 20.37
CA SER B 41 23.09 -14.52 20.04
C SER B 41 23.25 -15.72 19.10
N GLY B 42 23.98 -15.50 18.00
CA GLY B 42 24.23 -16.58 17.06
C GLY B 42 23.06 -17.05 16.23
N ALA B 43 21.92 -16.39 16.30
CA ALA B 43 20.74 -16.77 15.53
C ALA B 43 20.32 -15.61 14.63
N SER B 44 19.22 -15.79 13.92
CA SER B 44 18.88 -14.72 13.00
C SER B 44 17.67 -13.93 13.50
N PRO B 45 17.45 -12.73 12.97
CA PRO B 45 16.35 -11.90 13.45
C PRO B 45 14.99 -12.55 13.25
N LYS B 46 14.05 -12.12 14.09
CA LYS B 46 12.64 -12.50 13.99
C LYS B 46 11.79 -11.24 14.12
N LEU B 47 10.85 -11.06 13.20
CA LEU B 47 9.87 -10.00 13.36
C LEU B 47 9.25 -10.10 14.75
N TRP B 48 9.14 -8.96 15.44
CA TRP B 48 8.73 -8.92 16.85
C TRP B 48 7.57 -7.98 17.08
N ILE B 49 7.64 -6.75 16.57
CA ILE B 49 6.54 -5.79 16.63
C ILE B 49 6.47 -5.10 15.29
N TYR B 50 5.30 -5.08 14.67
CA TYR B 50 5.12 -4.41 13.39
C TYR B 50 4.13 -3.27 13.57
N SER B 51 4.21 -2.29 12.68
CA SER B 51 3.30 -1.15 12.68
C SER B 51 3.24 -0.50 14.07
N THR B 52 4.41 -0.32 14.66
CA THR B 52 4.58 0.39 15.93
C THR B 52 4.20 -0.39 17.18
N SER B 53 3.03 -1.05 17.19
CA SER B 53 2.51 -1.57 18.46
C SER B 53 1.88 -2.94 18.39
N ASN B 54 1.99 -3.68 17.28
CA ASN B 54 1.37 -4.99 17.17
C ASN B 54 2.39 -6.09 17.34
N LEU B 55 2.06 -7.10 18.13
CA LEU B 55 2.97 -8.21 18.36
C LEU B 55 2.86 -9.21 17.22
N ALA B 56 4.02 -9.68 16.76
CA ALA B 56 4.05 -10.67 15.71
C ALA B 56 3.65 -12.04 16.28
N SER B 57 3.27 -12.96 15.39
CA SER B 57 2.80 -14.24 15.89
C SER B 57 3.84 -14.85 16.82
N GLY B 58 3.40 -15.25 18.00
CA GLY B 58 4.27 -15.92 18.96
C GLY B 58 4.98 -15.03 19.95
N VAL B 59 4.70 -13.75 19.98
CA VAL B 59 5.40 -12.80 20.84
C VAL B 59 4.56 -12.58 22.09
N PRO B 60 5.10 -12.85 23.29
CA PRO B 60 4.27 -12.85 24.49
C PRO B 60 3.78 -11.47 24.87
N ALA B 61 2.70 -11.47 25.67
CA ALA B 61 1.99 -10.23 25.98
C ALA B 61 2.81 -9.27 26.82
N ARG B 62 3.89 -9.74 27.44
CA ARG B 62 4.76 -8.85 28.22
C ARG B 62 5.43 -7.78 27.35
N PHE B 63 5.40 -7.92 26.02
CA PHE B 63 6.00 -6.95 25.13
C PHE B 63 4.95 -5.95 24.63
N SER B 64 5.35 -4.70 24.53
CA SER B 64 4.48 -3.66 23.98
C SER B 64 5.36 -2.65 23.24
N GLY B 65 4.72 -1.86 22.39
CA GLY B 65 5.43 -0.82 21.66
C GLY B 65 4.58 0.42 21.54
N SER B 66 5.24 1.57 21.47
CA SER B 66 4.54 2.83 21.28
C SER B 66 5.47 3.84 20.63
N GLY B 67 4.89 4.95 20.15
CA GLY B 67 5.65 6.06 19.60
C GLY B 67 5.00 6.72 18.40
N SER B 68 5.65 7.75 17.86
CA SER B 68 5.21 8.33 16.59
C SER B 68 6.24 9.35 16.13
N GLY B 69 6.13 9.72 14.85
CA GLY B 69 7.02 10.72 14.29
C GLY B 69 8.47 10.26 14.23
N THR B 70 9.29 10.76 15.17
CA THR B 70 10.70 10.43 15.22
C THR B 70 11.11 9.80 16.54
N SER B 71 10.16 9.42 17.38
CA SER B 71 10.48 8.84 18.68
C SER B 71 9.56 7.64 18.92
N TYR B 72 10.14 6.47 19.02
CA TYR B 72 9.43 5.24 19.32
C TYR B 72 10.16 4.51 20.43
N SER B 73 9.52 3.50 20.99
CA SER B 73 10.08 2.78 22.13
C SER B 73 9.51 1.37 22.19
N LEU B 74 10.32 0.45 22.69
CA LEU B 74 9.91 -0.92 22.96
C LEU B 74 10.01 -1.14 24.46
N THR B 75 9.01 -1.81 25.03
CA THR B 75 8.89 -1.95 26.47
C THR B 75 8.58 -3.40 26.82
N ILE B 76 9.37 -3.97 27.73
CA ILE B 76 9.06 -5.27 28.33
C ILE B 76 8.62 -4.99 29.76
N SER B 77 7.40 -5.42 30.09
CA SER B 77 6.85 -5.13 31.41
C SER B 77 7.61 -5.90 32.47
N SER B 78 7.51 -7.24 32.48
CA SER B 78 8.25 -8.07 33.43
C SER B 78 9.24 -8.94 32.65
N VAL B 79 10.51 -8.56 32.64
CA VAL B 79 11.45 -9.21 31.72
C VAL B 79 11.79 -10.61 32.24
N GLU B 80 11.99 -11.53 31.29
CA GLU B 80 12.43 -12.89 31.57
C GLU B 80 13.80 -13.14 30.96
N ALA B 81 14.41 -14.27 31.34
CA ALA B 81 15.76 -14.55 30.89
C ALA B 81 15.82 -14.84 29.39
N GLU B 82 14.79 -15.49 28.85
CA GLU B 82 14.69 -15.75 27.42
C GLU B 82 14.47 -14.47 26.60
N ASP B 83 14.48 -13.30 27.23
CA ASP B 83 14.42 -12.03 26.52
C ASP B 83 15.79 -11.40 26.31
N ALA B 84 16.85 -12.03 26.81
CA ALA B 84 18.19 -11.52 26.53
C ALA B 84 18.43 -11.63 25.02
N ALA B 85 18.76 -10.49 24.40
CA ALA B 85 18.86 -10.41 22.96
C ALA B 85 19.33 -9.03 22.54
N THR B 86 19.47 -8.79 21.24
CA THR B 86 19.60 -7.45 20.72
C THR B 86 18.33 -7.12 19.98
N TYR B 87 17.77 -5.96 20.23
CA TYR B 87 16.54 -5.53 19.59
C TYR B 87 16.86 -4.45 18.56
N TYR B 88 16.46 -4.67 17.32
CA TYR B 88 16.63 -3.70 16.24
C TYR B 88 15.26 -3.15 15.86
N CYS B 89 15.18 -1.82 15.70
CA CYS B 89 14.04 -1.21 15.04
C CYS B 89 14.34 -1.03 13.55
N GLN B 90 13.29 -0.73 12.78
CA GLN B 90 13.43 -0.60 11.33
C GLN B 90 12.30 0.26 10.79
N GLN B 91 12.63 1.18 9.88
CA GLN B 91 11.63 1.95 9.15
C GLN B 91 11.47 1.39 7.74
N PHE B 92 10.22 1.32 7.28
CA PHE B 92 9.89 0.72 6.00
C PHE B 92 9.15 1.69 5.09
N SER B 93 9.27 2.99 5.35
CA SER B 93 8.48 4.00 4.66
C SER B 93 9.27 4.76 3.60
N GLY B 94 10.59 4.58 3.55
CA GLY B 94 11.42 5.28 2.61
C GLY B 94 12.64 4.48 2.19
N TYR B 95 12.94 4.49 0.89
CA TYR B 95 14.17 3.81 0.57
C TYR B 95 15.34 4.79 0.65
N PRO B 96 16.49 4.37 1.18
CA PRO B 96 16.80 2.99 1.56
C PRO B 96 16.21 2.56 2.90
N LEU B 97 15.72 1.32 2.98
CA LEU B 97 15.25 0.80 4.25
C LEU B 97 16.40 0.74 5.25
N THR B 98 16.13 1.15 6.48
CA THR B 98 17.18 1.29 7.47
C THR B 98 16.78 0.61 8.77
N PHE B 99 17.78 0.07 9.45
CA PHE B 99 17.65 -0.51 10.77
C PHE B 99 18.34 0.37 11.79
N GLY B 100 17.87 0.29 13.04
CA GLY B 100 18.51 1.00 14.12
C GLY B 100 19.78 0.31 14.59
N SER B 101 20.54 1.03 15.40
CA SER B 101 21.83 0.52 15.87
C SER B 101 21.70 -0.59 16.92
N GLY B 102 20.52 -0.85 17.43
CA GLY B 102 20.31 -1.96 18.35
C GLY B 102 20.51 -1.61 19.81
N THR B 103 19.83 -2.37 20.67
CA THR B 103 20.07 -2.39 22.11
C THR B 103 20.31 -3.83 22.53
N LYS B 104 21.49 -4.11 23.07
CA LYS B 104 21.73 -5.42 23.67
C LYS B 104 21.15 -5.41 25.09
N LEU B 105 20.20 -6.32 25.35
CA LEU B 105 19.59 -6.51 26.66
C LEU B 105 20.26 -7.69 27.34
N GLU B 106 20.98 -7.43 28.43
CA GLU B 106 21.66 -8.50 29.17
C GLU B 106 21.03 -8.64 30.56
N MET B 107 21.34 -9.77 31.22
CA MET B 107 20.78 -10.10 32.51
C MET B 107 21.70 -9.68 33.65
N LYS B 108 21.11 -9.07 34.67
CA LYS B 108 21.82 -8.79 35.91
C LYS B 108 21.81 -10.04 36.79
N ARG B 109 22.92 -10.24 37.52
CA ARG B 109 23.00 -11.35 38.46
C ARG B 109 23.96 -10.91 39.57
N ALA B 110 24.11 -11.75 40.58
CA ALA B 110 25.04 -11.44 41.67
C ALA B 110 26.49 -11.43 41.15
N ASP B 111 27.28 -10.52 41.69
CA ASP B 111 28.70 -10.51 41.39
C ASP B 111 29.29 -11.90 41.65
N ALA B 112 30.35 -12.24 40.90
CA ALA B 112 30.99 -13.54 41.00
C ALA B 112 32.41 -13.42 40.48
N ALA B 113 33.39 -13.94 41.24
CA ALA B 113 34.78 -13.81 40.84
C ALA B 113 35.18 -14.93 39.88
N PRO B 114 36.18 -14.70 39.04
CA PRO B 114 36.55 -15.69 38.03
C PRO B 114 37.38 -16.83 38.60
N THR B 115 37.34 -17.96 37.88
CA THR B 115 38.22 -19.11 38.09
C THR B 115 39.35 -19.04 37.06
N VAL B 116 40.59 -18.79 37.53
CA VAL B 116 41.73 -18.52 36.65
C VAL B 116 42.66 -19.74 36.60
N SER B 117 42.74 -20.36 35.42
CA SER B 117 43.73 -21.39 35.12
C SER B 117 44.78 -20.85 34.17
N ILE B 118 46.05 -21.21 34.40
CA ILE B 118 47.14 -20.83 33.49
C ILE B 118 47.67 -22.10 32.83
N PHE B 119 48.17 -21.95 31.60
CA PHE B 119 48.57 -23.06 30.75
C PHE B 119 49.85 -22.74 29.99
N PRO B 120 50.94 -23.46 30.23
CA PRO B 120 52.17 -23.20 29.49
C PRO B 120 52.07 -23.68 28.07
N PRO B 121 53.04 -23.32 27.22
CA PRO B 121 53.00 -23.76 25.81
C PRO B 121 53.09 -25.28 25.70
N SER B 122 52.27 -25.84 24.82
CA SER B 122 52.35 -27.28 24.59
C SER B 122 53.65 -27.63 23.88
N SER B 123 54.04 -28.89 24.00
CA SER B 123 55.30 -29.34 23.40
C SER B 123 55.26 -29.27 21.89
N GLU B 124 54.11 -29.54 21.28
CA GLU B 124 54.01 -29.47 19.82
C GLU B 124 54.30 -28.06 19.32
N GLN B 125 53.65 -27.06 19.94
CA GLN B 125 53.89 -25.69 19.50
C GLN B 125 55.37 -25.32 19.65
N LEU B 126 55.97 -25.69 20.79
CA LEU B 126 57.38 -25.39 21.01
C LEU B 126 58.26 -25.97 19.91
N THR B 127 57.90 -27.14 19.37
CA THR B 127 58.64 -27.69 18.24
C THR B 127 58.63 -26.74 17.06
N SER B 128 57.44 -26.23 16.70
CA SER B 128 57.25 -25.31 15.60
C SER B 128 57.92 -23.96 15.81
N GLY B 129 58.59 -23.73 16.94
CA GLY B 129 59.28 -22.48 17.14
C GLY B 129 58.41 -21.37 17.68
N GLY B 130 57.26 -21.71 18.24
CA GLY B 130 56.36 -20.73 18.82
C GLY B 130 56.00 -21.12 20.23
N ALA B 131 55.72 -20.11 21.05
CA ALA B 131 55.39 -20.32 22.45
C ALA B 131 54.30 -19.34 22.83
N SER B 132 53.12 -19.85 23.17
CA SER B 132 52.01 -18.99 23.57
C SER B 132 51.37 -19.55 24.83
N VAL B 133 51.38 -18.75 25.89
CA VAL B 133 50.78 -19.08 27.19
C VAL B 133 49.32 -18.65 27.18
N VAL B 134 48.45 -19.49 27.72
CA VAL B 134 47.01 -19.24 27.70
C VAL B 134 46.52 -19.09 29.13
N CYS B 135 45.56 -18.20 29.33
CA CYS B 135 44.92 -18.01 30.62
C CYS B 135 43.43 -17.98 30.41
N PHE B 136 42.70 -18.79 31.15
CA PHE B 136 41.25 -18.76 31.15
C PHE B 136 40.74 -18.07 32.42
N LEU B 137 39.81 -17.14 32.26
CA LEU B 137 39.12 -16.49 33.37
C LEU B 137 37.64 -16.79 33.20
N ASN B 138 37.11 -17.72 34.02
CA ASN B 138 35.84 -18.38 33.73
C ASN B 138 34.74 -18.04 34.72
N ASN B 139 33.54 -17.80 34.19
CA ASN B 139 32.29 -17.71 34.94
C ASN B 139 32.31 -16.59 35.99
N PHE B 140 32.48 -15.35 35.54
CA PHE B 140 32.47 -14.19 36.42
C PHE B 140 31.34 -13.23 36.03
N TYR B 141 31.13 -12.23 36.90
CA TYR B 141 30.17 -11.16 36.65
C TYR B 141 30.54 -9.96 37.49
N PRO B 142 30.49 -8.73 36.96
CA PRO B 142 30.04 -8.38 35.60
C PRO B 142 31.10 -8.55 34.52
N LYS B 143 30.77 -8.10 33.29
CA LYS B 143 31.57 -8.44 32.11
C LYS B 143 32.98 -7.89 32.21
N ASP B 144 33.12 -6.66 32.70
CA ASP B 144 34.43 -6.02 32.66
C ASP B 144 35.44 -6.84 33.44
N ILE B 145 36.61 -7.06 32.83
CA ILE B 145 37.70 -7.78 33.48
C ILE B 145 38.99 -7.32 32.83
N ASN B 146 40.08 -7.41 33.60
CA ASN B 146 41.36 -6.85 33.19
C ASN B 146 42.45 -7.86 33.52
N VAL B 147 43.18 -8.30 32.51
CA VAL B 147 44.23 -9.29 32.66
C VAL B 147 45.57 -8.58 32.50
N LYS B 148 46.55 -8.99 33.29
CA LYS B 148 47.92 -8.52 33.18
C LYS B 148 48.83 -9.73 33.05
N TRP B 149 49.74 -9.70 32.08
CA TRP B 149 50.72 -10.76 31.92
C TRP B 149 52.04 -10.34 32.53
N LYS B 150 52.65 -11.25 33.30
CA LYS B 150 53.99 -11.04 33.84
C LYS B 150 54.87 -12.21 33.41
N ILE B 151 55.97 -11.88 32.73
CA ILE B 151 57.03 -12.83 32.40
C ILE B 151 58.16 -12.58 33.39
N ASP B 152 58.35 -13.53 34.30
CA ASP B 152 59.17 -13.34 35.50
C ASP B 152 58.51 -12.18 36.25
N GLY B 153 59.23 -11.12 36.62
CA GLY B 153 58.61 -10.04 37.35
C GLY B 153 58.00 -8.96 36.47
N SER B 154 58.57 -8.77 35.27
CA SER B 154 58.13 -7.70 34.40
C SER B 154 56.80 -8.03 33.77
N GLU B 155 55.91 -7.05 33.71
CA GLU B 155 54.65 -7.25 33.00
C GLU B 155 54.91 -7.09 31.50
N ARG B 156 54.29 -7.96 30.72
CA ARG B 156 54.37 -7.91 29.27
C ARG B 156 53.04 -7.42 28.73
N GLN B 157 53.07 -6.36 27.93
CA GLN B 157 51.86 -5.72 27.45
C GLN B 157 51.50 -6.05 26.01
N ASN B 158 52.47 -6.48 25.21
CA ASN B 158 52.27 -6.67 23.77
C ASN B 158 52.27 -8.15 23.39
N GLY B 159 51.54 -8.46 22.33
CA GLY B 159 51.47 -9.82 21.84
C GLY B 159 50.35 -10.65 22.44
N VAL B 160 49.22 -10.04 22.77
CA VAL B 160 48.14 -10.70 23.47
C VAL B 160 46.90 -10.74 22.60
N LEU B 161 46.09 -11.78 22.79
CA LEU B 161 44.77 -11.86 22.18
C LEU B 161 43.76 -12.21 23.28
N ASN B 162 42.75 -11.36 23.45
CA ASN B 162 41.73 -11.52 24.47
C ASN B 162 40.39 -11.78 23.80
N SER B 163 39.69 -12.81 24.24
CA SER B 163 38.35 -13.08 23.73
C SER B 163 37.38 -13.22 24.89
N TRP B 164 36.21 -12.62 24.72
CA TRP B 164 35.11 -12.72 25.66
C TRP B 164 34.02 -13.60 25.08
N THR B 165 33.36 -14.36 25.95
CA THR B 165 32.17 -15.10 25.55
C THR B 165 30.93 -14.21 25.67
N ASP B 166 29.85 -14.68 25.09
CA ASP B 166 28.57 -14.04 25.32
C ASP B 166 28.05 -14.47 26.70
N GLN B 167 27.11 -13.68 27.22
CA GLN B 167 26.58 -14.02 28.53
C GLN B 167 25.94 -15.41 28.48
N ASP B 168 26.40 -16.28 29.38
CA ASP B 168 25.92 -17.66 29.40
C ASP B 168 24.42 -17.70 29.67
N SER B 169 23.71 -18.47 28.87
CA SER B 169 22.25 -18.54 28.95
C SER B 169 21.75 -19.36 30.15
N LYS B 170 22.66 -19.97 30.92
CA LYS B 170 22.25 -20.77 32.07
C LYS B 170 22.51 -20.07 33.39
N ASP B 171 23.73 -19.57 33.61
CA ASP B 171 24.07 -18.92 34.88
C ASP B 171 24.45 -17.45 34.71
N SER B 172 24.25 -16.88 33.52
CA SER B 172 24.36 -15.44 33.29
C SER B 172 25.76 -14.89 33.54
N THR B 173 26.79 -15.73 33.56
CA THR B 173 28.16 -15.24 33.72
C THR B 173 28.81 -14.97 32.36
N TYR B 174 30.01 -14.37 32.43
CA TYR B 174 30.88 -14.14 31.28
C TYR B 174 32.22 -14.83 31.53
N SER B 175 32.86 -15.27 30.46
CA SER B 175 34.18 -15.85 30.56
C SER B 175 35.11 -15.20 29.54
N MET B 176 36.41 -15.25 29.83
CA MET B 176 37.38 -14.56 29.00
C MET B 176 38.66 -15.39 28.89
N SER B 177 39.20 -15.42 27.67
CA SER B 177 40.42 -16.14 27.34
C SER B 177 41.48 -15.12 26.92
N SER B 178 42.68 -15.23 27.47
CA SER B 178 43.80 -14.39 27.06
C SER B 178 44.97 -15.28 26.66
N THR B 179 45.62 -14.92 25.56
CA THR B 179 46.72 -15.71 25.02
C THR B 179 47.89 -14.80 24.72
N LEU B 180 49.02 -15.04 25.39
CA LEU B 180 50.27 -14.35 25.12
C LEU B 180 51.12 -15.20 24.19
N THR B 181 51.58 -14.63 23.08
CA THR B 181 52.35 -15.38 22.10
C THR B 181 53.76 -14.82 22.02
N LEU B 182 54.74 -15.69 22.24
CA LEU B 182 56.15 -15.40 22.08
C LEU B 182 56.76 -16.37 21.07
N THR B 183 58.02 -16.11 20.73
CA THR B 183 58.83 -17.06 20.00
C THR B 183 59.35 -18.13 20.94
N LYS B 184 59.67 -19.31 20.39
CA LYS B 184 60.25 -20.35 21.23
C LYS B 184 61.53 -19.87 21.90
N ASP B 185 62.40 -19.22 21.13
CA ASP B 185 63.58 -18.59 21.70
C ASP B 185 63.22 -17.72 22.89
N GLU B 186 62.39 -16.70 22.63
CA GLU B 186 61.96 -15.80 23.71
C GLU B 186 61.41 -16.56 24.91
N TYR B 187 60.65 -17.62 24.67
CA TYR B 187 59.99 -18.32 25.76
C TYR B 187 61.00 -19.07 26.62
N GLU B 188 61.94 -19.78 25.99
CA GLU B 188 62.85 -20.62 26.75
C GLU B 188 63.95 -19.84 27.45
N ARG B 189 64.06 -18.52 27.26
CA ARG B 189 65.01 -17.70 27.99
C ARG B 189 64.33 -16.90 29.11
N HIS B 190 63.24 -17.43 29.67
CA HIS B 190 62.59 -16.89 30.85
C HIS B 190 62.06 -18.06 31.66
N ASN B 191 61.65 -17.78 32.89
CA ASN B 191 61.30 -18.86 33.81
C ASN B 191 59.87 -18.76 34.34
N SER B 192 59.53 -17.70 35.07
CA SER B 192 58.22 -17.58 35.70
C SER B 192 57.22 -16.93 34.75
N TYR B 193 56.05 -17.52 34.63
CA TYR B 193 54.98 -16.97 33.80
C TYR B 193 53.74 -16.77 34.66
N THR B 194 53.33 -15.52 34.81
CA THR B 194 52.21 -15.18 35.68
C THR B 194 51.14 -14.48 34.87
N CYS B 195 49.92 -14.96 35.00
CA CYS B 195 48.71 -14.33 34.49
C CYS B 195 47.89 -13.87 35.69
N GLU B 196 47.66 -12.57 35.82
CA GLU B 196 46.90 -12.08 36.96
C GLU B 196 45.70 -11.25 36.52
N ALA B 197 44.55 -11.49 37.14
CA ALA B 197 43.28 -10.93 36.72
C ALA B 197 42.76 -9.97 37.79
N THR B 198 42.36 -8.78 37.37
CA THR B 198 41.81 -7.76 38.25
C THR B 198 40.32 -7.61 37.92
N HIS B 199 39.47 -7.93 38.88
CA HIS B 199 38.03 -7.93 38.71
C HIS B 199 37.39 -7.16 39.86
N LYS B 200 36.17 -6.68 39.63
CA LYS B 200 35.48 -5.87 40.62
C LYS B 200 35.22 -6.62 41.92
N THR B 201 35.14 -7.94 41.87
CA THR B 201 34.94 -8.71 43.10
C THR B 201 36.13 -8.65 44.05
N SER B 202 37.16 -7.85 43.80
CA SER B 202 38.31 -7.78 44.70
C SER B 202 39.31 -6.73 44.21
N THR B 203 40.01 -6.08 45.14
CA THR B 203 41.02 -5.12 44.75
C THR B 203 42.39 -5.74 44.58
N SER B 204 42.65 -6.85 45.27
CA SER B 204 43.84 -7.63 44.96
C SER B 204 43.55 -8.58 43.79
N PRO B 205 44.43 -8.66 42.81
CA PRO B 205 44.14 -9.50 41.65
C PRO B 205 44.37 -10.97 41.95
N ILE B 206 43.59 -11.82 41.26
CA ILE B 206 43.79 -13.26 41.28
C ILE B 206 44.99 -13.62 40.43
N VAL B 207 45.92 -14.39 40.99
CA VAL B 207 47.19 -14.68 40.36
C VAL B 207 47.27 -16.17 40.08
N LYS B 208 47.66 -16.53 38.86
CA LYS B 208 48.09 -17.88 38.52
C LYS B 208 49.44 -17.79 37.84
N SER B 209 50.41 -18.58 38.30
CA SER B 209 51.75 -18.60 37.75
C SER B 209 52.19 -20.03 37.53
N PHE B 210 53.39 -20.18 37.00
CA PHE B 210 54.04 -21.47 36.84
C PHE B 210 55.47 -21.23 36.41
N ASN B 211 56.37 -22.08 36.88
CA ASN B 211 57.77 -22.00 36.49
C ASN B 211 58.05 -23.01 35.40
N ARG B 212 58.86 -22.60 34.42
CA ARG B 212 59.13 -23.45 33.27
C ARG B 212 59.94 -24.68 33.64
N ASN B 213 60.58 -24.69 34.81
CA ASN B 213 61.33 -25.86 35.25
C ASN B 213 60.42 -26.95 35.82
N GLU B 214 59.70 -26.65 36.90
CA GLU B 214 58.80 -27.62 37.51
C GLU B 214 57.46 -27.64 36.80
N GLU C 1 6.12 -23.11 9.00
CA GLU C 1 6.16 -23.85 7.73
C GLU C 1 6.85 -23.05 6.62
N VAL C 2 6.72 -21.72 6.65
CA VAL C 2 7.52 -20.91 5.74
C VAL C 2 8.99 -21.14 6.03
N GLN C 3 9.80 -21.18 4.97
CA GLN C 3 11.18 -21.57 5.13
C GLN C 3 12.06 -20.88 4.09
N LEU C 4 13.20 -20.36 4.53
CA LEU C 4 14.13 -19.63 3.68
C LEU C 4 15.55 -20.13 3.94
N VAL C 5 16.27 -20.49 2.89
CA VAL C 5 17.63 -21.02 3.04
C VAL C 5 18.57 -20.33 2.06
N GLU C 6 19.55 -19.63 2.60
CA GLU C 6 20.59 -19.00 1.80
C GLU C 6 21.76 -19.96 1.56
N SER C 7 22.40 -19.81 0.40
CA SER C 7 23.49 -20.68 0.00
C SER C 7 24.43 -19.88 -0.90
N GLY C 8 25.52 -20.52 -1.31
CA GLY C 8 26.61 -19.82 -1.97
C GLY C 8 27.26 -19.01 -0.89
N GLY C 9 28.32 -18.29 -1.16
CA GLY C 9 28.84 -17.55 -0.02
C GLY C 9 30.06 -18.20 0.58
N GLY C 10 31.14 -17.42 0.63
CA GLY C 10 32.42 -17.96 1.00
C GLY C 10 33.47 -16.87 0.85
N LEU C 11 34.72 -17.30 0.78
CA LEU C 11 35.81 -16.36 0.64
C LEU C 11 35.96 -15.94 -0.82
N VAL C 12 36.08 -14.64 -1.05
CA VAL C 12 36.20 -14.07 -2.38
C VAL C 12 37.28 -13.01 -2.35
N LYS C 13 38.02 -12.82 -3.55
CA LYS C 13 39.07 -11.81 -3.47
C LYS C 13 38.50 -10.43 -3.81
N PRO C 14 39.09 -9.37 -3.25
CA PRO C 14 38.64 -8.02 -3.60
C PRO C 14 38.60 -7.83 -5.10
N GLY C 15 37.47 -7.33 -5.60
CA GLY C 15 37.22 -7.22 -7.02
C GLY C 15 36.53 -8.42 -7.62
N GLY C 16 36.55 -9.56 -6.94
CA GLY C 16 35.91 -10.75 -7.45
C GLY C 16 34.41 -10.61 -7.46
N SER C 17 33.72 -11.69 -7.81
CA SER C 17 32.28 -11.67 -7.93
C SER C 17 31.72 -13.01 -7.47
N LEU C 18 30.50 -12.99 -6.96
CA LEU C 18 29.90 -14.20 -6.41
C LEU C 18 28.38 -14.05 -6.40
N LYS C 19 27.68 -15.18 -6.45
CA LYS C 19 26.22 -15.18 -6.57
C LYS C 19 25.60 -15.99 -5.43
N LEU C 20 24.78 -15.33 -4.63
CA LEU C 20 24.10 -15.95 -3.50
C LEU C 20 22.71 -16.38 -3.91
N SER C 21 22.20 -17.41 -3.23
CA SER C 21 20.90 -17.95 -3.59
C SER C 21 20.12 -18.20 -2.31
N CYS C 22 18.81 -17.94 -2.38
CA CYS C 22 17.88 -18.25 -1.29
C CYS C 22 16.77 -19.13 -1.83
N ALA C 23 16.71 -20.36 -1.36
CA ALA C 23 15.66 -21.29 -1.74
C ALA C 23 14.47 -21.11 -0.81
N ALA C 24 13.34 -20.67 -1.36
CA ALA C 24 12.12 -20.46 -0.58
C ALA C 24 11.25 -21.71 -0.60
N SER C 25 10.31 -21.79 0.34
CA SER C 25 9.38 -22.91 0.42
C SER C 25 8.42 -22.79 1.59
N GLY C 26 7.23 -23.38 1.46
CA GLY C 26 6.20 -23.29 2.48
C GLY C 26 5.22 -22.16 2.28
N PHE C 27 5.36 -21.40 1.18
CA PHE C 27 4.43 -20.32 0.85
C PHE C 27 4.49 -20.14 -0.66
N THR C 28 3.66 -19.25 -1.17
CA THR C 28 3.65 -18.93 -2.59
C THR C 28 4.69 -17.85 -2.84
N PHE C 29 5.92 -18.30 -3.12
CA PHE C 29 7.05 -17.39 -3.31
C PHE C 29 6.71 -16.18 -4.18
N SER C 30 5.83 -16.33 -5.16
CA SER C 30 5.64 -15.27 -6.15
C SER C 30 4.68 -14.18 -5.69
N SER C 31 4.02 -14.35 -4.55
CA SER C 31 3.13 -13.33 -4.01
C SER C 31 3.82 -12.35 -3.09
N TYR C 32 5.14 -12.48 -2.91
CA TYR C 32 5.85 -11.81 -1.82
C TYR C 32 7.12 -11.17 -2.33
N ALA C 33 7.25 -9.85 -2.11
CA ALA C 33 8.54 -9.21 -2.31
C ALA C 33 9.57 -9.81 -1.36
N MET C 34 10.82 -9.80 -1.80
CA MET C 34 11.91 -10.31 -0.98
C MET C 34 13.00 -9.26 -0.90
N SER C 35 13.76 -9.28 0.19
CA SER C 35 14.93 -8.42 0.32
C SER C 35 16.13 -9.22 0.82
N TRP C 36 17.31 -8.69 0.51
CA TRP C 36 18.56 -9.13 1.09
C TRP C 36 18.97 -8.15 2.18
N VAL C 37 19.16 -8.64 3.40
CA VAL C 37 19.73 -7.85 4.50
C VAL C 37 21.04 -8.48 4.94
N ARG C 38 22.09 -7.67 4.99
CA ARG C 38 23.38 -8.14 5.45
C ARG C 38 23.67 -7.66 6.87
N GLN C 39 24.57 -8.36 7.56
CA GLN C 39 25.00 -8.01 8.90
C GLN C 39 26.52 -8.14 8.99
N SER C 40 27.22 -7.03 9.21
CA SER C 40 28.67 -7.05 9.28
C SER C 40 29.14 -7.74 10.56
N PRO C 41 30.43 -8.08 10.65
CA PRO C 41 30.94 -8.67 11.89
C PRO C 41 30.88 -7.72 13.08
N GLU C 42 30.67 -6.42 12.86
CA GLU C 42 30.37 -5.51 13.96
C GLU C 42 28.87 -5.44 14.26
N LYS C 43 28.09 -6.33 13.65
CA LYS C 43 26.72 -6.69 14.03
C LYS C 43 25.69 -5.66 13.56
N ARG C 44 26.10 -4.68 12.76
CA ARG C 44 25.15 -3.71 12.22
C ARG C 44 24.34 -4.35 11.09
N LEU C 45 23.03 -4.15 11.11
CA LEU C 45 22.15 -4.63 10.05
C LEU C 45 21.99 -3.55 8.97
N GLU C 46 22.16 -3.94 7.72
CA GLU C 46 22.03 -3.00 6.59
C GLU C 46 21.19 -3.66 5.51
N TRP C 47 20.09 -3.01 5.13
CA TRP C 47 19.32 -3.48 4.01
C TRP C 47 20.09 -3.23 2.70
N VAL C 48 19.96 -4.16 1.76
CA VAL C 48 20.81 -4.20 0.58
C VAL C 48 20.02 -3.93 -0.70
N ALA C 49 18.92 -4.66 -0.88
CA ALA C 49 18.19 -4.63 -2.15
C ALA C 49 16.85 -5.32 -1.96
N GLU C 50 15.83 -4.82 -2.66
CA GLU C 50 14.50 -5.41 -2.62
C GLU C 50 14.00 -5.68 -4.03
N ILE C 51 13.31 -6.80 -4.21
CA ILE C 51 12.69 -7.16 -5.48
C ILE C 51 11.22 -7.44 -5.26
N SER C 52 10.37 -6.80 -6.05
CA SER C 52 8.94 -6.96 -5.95
C SER C 52 8.54 -8.39 -6.34
N SER C 53 7.29 -8.74 -6.00
CA SER C 53 6.80 -10.10 -6.24
C SER C 53 7.06 -10.56 -7.68
N GLY C 54 6.85 -9.68 -8.65
CA GLY C 54 7.00 -10.06 -10.04
C GLY C 54 8.23 -9.45 -10.69
N GLY C 55 9.22 -9.09 -9.88
CA GLY C 55 10.50 -8.64 -10.37
C GLY C 55 10.51 -7.29 -11.03
N ARG C 56 9.35 -6.65 -11.14
CA ARG C 56 9.24 -5.40 -11.88
C ARG C 56 9.55 -4.16 -11.04
N TYR C 57 9.80 -4.31 -9.74
CA TYR C 57 10.13 -3.19 -8.87
C TYR C 57 11.32 -3.56 -8.01
N ILE C 58 12.40 -2.80 -8.13
CA ILE C 58 13.68 -3.14 -7.54
C ILE C 58 14.29 -1.89 -6.94
N TYR C 59 14.61 -1.95 -5.65
CA TYR C 59 15.33 -0.87 -4.98
C TYR C 59 16.66 -1.40 -4.47
N TYR C 60 17.68 -0.54 -4.48
CA TYR C 60 18.99 -0.87 -3.96
C TYR C 60 19.42 0.13 -2.90
N SER C 61 20.15 -0.37 -1.92
CA SER C 61 21.00 0.50 -1.12
C SER C 61 21.93 1.29 -2.02
N ASP C 62 22.29 2.50 -1.60
CA ASP C 62 23.23 3.27 -2.38
C ASP C 62 24.63 2.65 -2.33
N THR C 63 24.94 1.92 -1.25
CA THR C 63 26.30 1.39 -1.09
C THR C 63 26.57 0.23 -2.02
N VAL C 64 25.54 -0.46 -2.51
CA VAL C 64 25.74 -1.56 -3.45
C VAL C 64 25.22 -1.25 -4.85
N THR C 65 24.41 -0.21 -5.03
CA THR C 65 23.81 0.07 -6.33
C THR C 65 24.89 0.19 -7.40
N GLY C 66 24.74 -0.56 -8.48
CA GLY C 66 25.77 -0.62 -9.48
C GLY C 66 26.53 -1.93 -9.52
N ARG C 67 26.84 -2.49 -8.36
CA ARG C 67 27.63 -3.71 -8.27
C ARG C 67 26.80 -4.96 -8.00
N PHE C 68 25.61 -4.82 -7.42
CA PHE C 68 24.78 -5.96 -7.04
C PHE C 68 23.53 -5.99 -7.90
N THR C 69 23.05 -7.20 -8.16
CA THR C 69 21.86 -7.39 -8.97
C THR C 69 20.97 -8.39 -8.26
N ILE C 70 19.86 -7.91 -7.72
CA ILE C 70 18.86 -8.81 -7.17
C ILE C 70 18.01 -9.34 -8.32
N SER C 71 17.55 -10.58 -8.20
CA SER C 71 16.71 -11.18 -9.22
C SER C 71 15.99 -12.36 -8.59
N ARG C 72 14.92 -12.80 -9.24
CA ARG C 72 14.15 -13.92 -8.72
C ARG C 72 13.76 -14.86 -9.85
N ASP C 73 13.66 -16.14 -9.49
CA ASP C 73 13.20 -17.22 -10.33
C ASP C 73 11.90 -17.70 -9.69
N ASN C 74 10.78 -17.11 -10.10
CA ASN C 74 9.50 -17.52 -9.52
C ASN C 74 9.06 -18.90 -9.96
N ALA C 75 9.75 -19.51 -10.91
CA ALA C 75 9.41 -20.88 -11.28
C ALA C 75 10.12 -21.89 -10.38
N ARG C 76 11.42 -21.72 -10.19
CA ARG C 76 12.20 -22.55 -9.29
C ARG C 76 12.08 -22.15 -7.81
N ASN C 77 11.56 -20.95 -7.52
CA ASN C 77 11.37 -20.51 -6.14
C ASN C 77 12.71 -20.17 -5.48
N ILE C 78 13.53 -19.40 -6.19
CA ILE C 78 14.86 -19.04 -5.71
C ILE C 78 15.04 -17.54 -5.85
N LEU C 79 15.57 -16.91 -4.81
CA LEU C 79 16.00 -15.52 -4.87
C LEU C 79 17.51 -15.50 -5.05
N HIS C 80 18.00 -14.63 -5.91
CA HIS C 80 19.42 -14.53 -6.16
C HIS C 80 19.92 -13.13 -5.85
N LEU C 81 21.21 -13.05 -5.56
CA LEU C 81 21.91 -11.79 -5.44
C LEU C 81 23.24 -11.95 -6.14
N GLU C 82 23.43 -11.22 -7.23
CA GLU C 82 24.67 -11.31 -8.01
C GLU C 82 25.56 -10.15 -7.60
N MET C 83 26.68 -10.48 -6.98
CA MET C 83 27.60 -9.47 -6.49
C MET C 83 28.86 -9.46 -7.35
N SER C 84 29.33 -8.27 -7.68
CA SER C 84 30.54 -8.12 -8.45
C SER C 84 31.29 -6.91 -7.93
N SER C 85 32.56 -6.82 -8.32
CA SER C 85 33.41 -5.73 -7.86
C SER C 85 33.35 -5.63 -6.33
N LEU C 86 33.60 -6.76 -5.66
CA LEU C 86 33.41 -6.84 -4.22
C LEU C 86 34.54 -6.13 -3.49
N ARG C 87 34.18 -5.36 -2.47
CA ARG C 87 35.15 -4.74 -1.59
C ARG C 87 35.12 -5.46 -0.24
N SER C 88 36.15 -5.19 0.58
CA SER C 88 36.26 -5.87 1.85
C SER C 88 35.08 -5.55 2.76
N GLU C 89 34.59 -4.30 2.73
CA GLU C 89 33.47 -3.91 3.57
C GLU C 89 32.13 -4.48 3.08
N ASP C 90 32.12 -5.33 2.06
CA ASP C 90 30.94 -6.14 1.74
C ASP C 90 30.90 -7.40 2.57
N THR C 91 31.92 -7.64 3.38
CA THR C 91 31.98 -8.80 4.25
C THR C 91 30.88 -8.74 5.28
N ALA C 92 30.03 -9.77 5.29
CA ALA C 92 28.90 -9.82 6.20
C ALA C 92 28.19 -11.14 5.96
N MET C 93 27.31 -11.49 6.90
CA MET C 93 26.40 -12.58 6.66
C MET C 93 25.19 -12.03 5.92
N TYR C 94 24.77 -12.70 4.85
CA TYR C 94 23.69 -12.21 4.01
C TYR C 94 22.40 -12.94 4.35
N TYR C 95 21.37 -12.18 4.66
CA TYR C 95 20.06 -12.71 5.01
C TYR C 95 19.09 -12.50 3.87
N CYS C 96 18.29 -13.54 3.63
CA CYS C 96 17.14 -13.50 2.74
C CYS C 96 15.90 -13.29 3.61
N ALA C 97 15.10 -12.27 3.28
CA ALA C 97 13.97 -11.95 4.14
C ALA C 97 12.71 -11.70 3.32
N ARG C 98 11.60 -12.29 3.75
CA ARG C 98 10.31 -12.08 3.10
C ARG C 98 9.66 -10.80 3.65
N GLY C 99 9.23 -9.92 2.76
CA GLY C 99 8.60 -8.69 3.17
C GLY C 99 7.65 -8.14 2.13
N GLU C 100 6.44 -8.68 2.05
CA GLU C 100 5.52 -8.22 1.01
C GLU C 100 4.81 -6.94 1.42
N VAL C 101 4.48 -6.80 2.70
CA VAL C 101 3.70 -5.67 3.20
C VAL C 101 4.65 -4.75 3.96
N ARG C 102 4.88 -3.55 3.45
CA ARG C 102 5.76 -2.62 4.15
C ARG C 102 5.27 -2.34 5.56
N GLN C 103 3.95 -2.35 5.74
CA GLN C 103 3.40 -2.06 7.07
C GLN C 103 3.52 -3.25 8.02
N ARG C 104 3.99 -4.42 7.55
CA ARG C 104 4.18 -5.59 8.41
C ARG C 104 5.62 -6.03 8.54
N GLY C 105 6.56 -5.40 7.83
CA GLY C 105 7.96 -5.78 7.97
C GLY C 105 8.34 -7.13 7.38
N PHE C 106 9.57 -7.51 7.70
CA PHE C 106 10.15 -8.78 7.24
C PHE C 106 9.73 -9.89 8.19
N ASP C 107 8.66 -10.61 7.85
CA ASP C 107 8.09 -11.59 8.77
C ASP C 107 8.78 -12.94 8.74
N TYR C 108 9.73 -13.19 7.83
CA TYR C 108 10.47 -14.44 7.85
C TYR C 108 11.90 -14.19 7.40
N TRP C 109 12.86 -14.85 8.04
CA TRP C 109 14.27 -14.72 7.70
C TRP C 109 14.91 -16.10 7.61
N GLY C 110 15.94 -16.20 6.78
CA GLY C 110 16.70 -17.42 6.65
C GLY C 110 17.81 -17.49 7.67
N GLN C 111 18.57 -18.58 7.60
CA GLN C 111 19.71 -18.76 8.48
C GLN C 111 20.89 -17.92 8.05
N GLY C 112 20.97 -17.54 6.78
CA GLY C 112 22.02 -16.68 6.29
C GLY C 112 23.18 -17.45 5.68
N THR C 113 23.98 -16.74 4.89
CA THR C 113 25.17 -17.30 4.29
C THR C 113 26.28 -16.25 4.33
N THR C 114 27.49 -16.68 4.64
CA THR C 114 28.55 -15.79 5.07
C THR C 114 29.50 -15.47 3.91
N LEU C 115 29.74 -14.18 3.71
CA LEU C 115 30.62 -13.69 2.67
C LEU C 115 31.82 -13.04 3.32
N THR C 116 33.02 -13.53 2.98
CA THR C 116 34.27 -12.92 3.41
C THR C 116 35.00 -12.41 2.18
N VAL C 117 35.28 -11.11 2.16
CA VAL C 117 36.02 -10.50 1.08
C VAL C 117 37.36 -10.04 1.65
N SER C 118 38.37 -10.88 1.48
CA SER C 118 39.72 -10.53 1.88
C SER C 118 40.68 -10.97 0.77
N SER C 119 41.85 -10.37 0.76
CA SER C 119 42.92 -10.89 -0.09
C SER C 119 43.80 -11.89 0.65
N ALA C 120 43.53 -12.15 1.92
CA ALA C 120 44.31 -13.12 2.67
C ALA C 120 44.03 -14.53 2.16
N LYS C 121 44.95 -15.44 2.47
CA LYS C 121 44.93 -16.80 1.96
C LYS C 121 44.43 -17.79 3.01
N THR C 122 43.51 -18.66 2.59
CA THR C 122 43.14 -19.83 3.38
C THR C 122 44.37 -20.50 3.95
N THR C 123 44.37 -20.72 5.25
CA THR C 123 45.39 -21.55 5.86
C THR C 123 44.77 -22.32 7.01
N ALA C 124 45.26 -23.56 7.21
CA ALA C 124 44.71 -24.49 8.18
C ALA C 124 45.17 -24.15 9.59
N PRO C 125 44.38 -24.48 10.61
CA PRO C 125 44.80 -24.19 11.98
C PRO C 125 45.80 -25.21 12.48
N SER C 126 46.61 -24.76 13.44
CA SER C 126 47.35 -25.66 14.33
C SER C 126 46.53 -25.79 15.61
N VAL C 127 46.10 -27.00 15.94
CA VAL C 127 45.37 -27.24 17.18
C VAL C 127 46.35 -27.82 18.19
N TYR C 128 46.54 -27.11 19.31
CA TYR C 128 47.37 -27.57 20.41
C TYR C 128 46.50 -27.94 21.61
N PRO C 129 46.80 -29.03 22.29
CA PRO C 129 46.09 -29.34 23.54
C PRO C 129 46.69 -28.59 24.71
N LEU C 130 45.83 -28.22 25.65
CA LEU C 130 46.21 -27.45 26.83
C LEU C 130 45.94 -28.30 28.06
N ALA C 131 47.03 -28.77 28.72
CA ALA C 131 46.96 -29.56 29.95
C ALA C 131 47.51 -28.77 31.14
N PRO C 132 46.96 -28.97 32.33
CA PRO C 132 47.31 -28.12 33.48
C PRO C 132 48.79 -28.21 33.82
N VAL C 133 49.23 -27.27 34.66
CA VAL C 133 50.57 -27.33 35.24
C VAL C 133 50.60 -28.46 36.26
N CYS C 134 51.74 -28.66 36.92
CA CYS C 134 51.92 -29.79 37.83
C CYS C 134 51.80 -29.41 39.30
N GLY C 135 51.57 -28.14 39.62
CA GLY C 135 51.52 -27.67 41.00
C GLY C 135 50.10 -27.41 41.47
N ASP C 136 49.89 -27.57 42.78
CA ASP C 136 48.60 -27.42 43.43
C ASP C 136 47.51 -28.19 42.69
N THR C 137 47.55 -29.51 42.86
CA THR C 137 46.76 -30.45 42.09
C THR C 137 45.38 -30.71 42.69
N THR C 138 44.88 -29.79 43.52
CA THR C 138 43.58 -29.93 44.16
C THR C 138 42.55 -30.41 43.15
N GLY C 139 41.90 -31.52 43.46
CA GLY C 139 41.14 -32.26 42.49
C GLY C 139 39.66 -32.01 42.40
N SER C 140 39.11 -31.09 43.21
CA SER C 140 37.69 -30.80 43.12
C SER C 140 37.22 -30.78 41.67
N SER C 141 37.76 -29.85 40.88
CA SER C 141 37.56 -29.83 39.45
C SER C 141 38.91 -29.65 38.77
N VAL C 142 38.93 -29.90 37.47
CA VAL C 142 40.11 -29.64 36.65
C VAL C 142 39.66 -28.98 35.35
N THR C 143 40.48 -28.05 34.85
CA THR C 143 40.15 -27.31 33.66
C THR C 143 41.14 -27.64 32.55
N LEU C 144 40.62 -28.03 31.39
CA LEU C 144 41.42 -28.34 30.23
C LEU C 144 41.18 -27.30 29.15
N GLY C 145 42.08 -27.28 28.16
CA GLY C 145 42.01 -26.29 27.12
C GLY C 145 42.35 -26.88 25.77
N CYS C 146 41.97 -26.13 24.73
CA CYS C 146 42.31 -26.47 23.35
C CYS C 146 42.51 -25.16 22.62
N LEU C 147 43.68 -25.02 22.00
CA LEU C 147 44.09 -23.77 21.33
C LEU C 147 44.13 -24.01 19.83
N VAL C 148 43.33 -23.26 19.08
CA VAL C 148 43.23 -23.39 17.63
C VAL C 148 43.78 -22.09 17.03
N LYS C 149 45.02 -22.13 16.55
CA LYS C 149 45.79 -20.92 16.27
C LYS C 149 46.10 -20.74 14.79
N GLY C 150 45.96 -19.51 14.31
CA GLY C 150 46.44 -19.13 13.00
C GLY C 150 45.75 -19.75 11.81
N TYR C 151 44.43 -19.73 11.79
CA TYR C 151 43.69 -20.23 10.65
C TYR C 151 42.99 -19.09 9.92
N PHE C 152 42.45 -19.41 8.74
CA PHE C 152 41.70 -18.46 7.93
C PHE C 152 41.07 -19.22 6.76
N PRO C 153 39.83 -18.88 6.36
CA PRO C 153 38.91 -17.94 7.00
C PRO C 153 38.08 -18.65 8.06
N GLU C 154 37.06 -17.98 8.61
CA GLU C 154 36.13 -18.66 9.49
C GLU C 154 35.17 -19.51 8.67
N PRO C 155 34.56 -20.55 9.28
CA PRO C 155 34.63 -20.89 10.70
C PRO C 155 35.35 -22.21 10.97
N VAL C 156 35.61 -22.49 12.24
CA VAL C 156 36.00 -23.82 12.66
C VAL C 156 34.85 -24.40 13.46
N THR C 157 34.94 -25.69 13.70
CA THR C 157 34.01 -26.40 14.56
C THR C 157 34.84 -27.10 15.62
N LEU C 158 34.46 -26.91 16.88
CA LEU C 158 35.19 -27.51 17.97
C LEU C 158 34.21 -28.20 18.89
N THR C 159 34.45 -29.48 19.16
CA THR C 159 33.69 -30.22 20.13
C THR C 159 34.66 -30.97 21.04
N TRP C 160 34.15 -31.48 22.14
CA TRP C 160 34.94 -32.33 23.03
C TRP C 160 34.33 -33.72 23.08
N ASN C 161 35.19 -34.73 23.08
CA ASN C 161 34.76 -36.13 22.99
C ASN C 161 33.61 -36.27 22.00
N SER C 162 33.84 -35.77 20.79
CA SER C 162 32.92 -35.91 19.65
C SER C 162 31.53 -35.34 19.93
N GLY C 163 31.41 -34.40 20.87
CA GLY C 163 30.16 -33.72 21.13
C GLY C 163 29.41 -34.22 22.36
N SER C 164 29.86 -35.30 22.99
CA SER C 164 29.15 -35.87 24.13
C SER C 164 29.49 -35.18 25.45
N LEU C 165 30.65 -34.52 25.53
CA LEU C 165 31.01 -33.70 26.68
C LEU C 165 30.69 -32.26 26.30
N SER C 166 29.48 -31.82 26.64
CA SER C 166 29.03 -30.46 26.39
C SER C 166 28.92 -29.60 27.63
N SER C 167 28.66 -30.18 28.80
CA SER C 167 28.63 -29.40 30.03
C SER C 167 30.03 -28.95 30.42
N GLY C 168 30.13 -27.72 30.91
CA GLY C 168 31.38 -27.22 31.42
C GLY C 168 32.35 -26.74 30.38
N VAL C 169 31.85 -26.36 29.20
CA VAL C 169 32.68 -26.01 28.06
C VAL C 169 32.48 -24.53 27.77
N HIS C 170 33.59 -23.81 27.58
CA HIS C 170 33.60 -22.42 27.15
C HIS C 170 34.45 -22.33 25.89
N THR C 171 33.81 -22.15 24.75
CA THR C 171 34.50 -22.02 23.47
C THR C 171 34.41 -20.56 23.05
N PHE C 172 35.54 -19.88 23.07
CA PHE C 172 35.61 -18.44 22.86
C PHE C 172 35.62 -18.11 21.38
N PRO C 173 34.90 -17.05 20.99
CA PRO C 173 34.89 -16.67 19.57
C PRO C 173 36.28 -16.31 19.08
N ALA C 174 36.52 -16.60 17.80
CA ALA C 174 37.83 -16.34 17.23
C ALA C 174 38.07 -14.85 17.13
N VAL C 175 39.35 -14.47 17.15
CA VAL C 175 39.75 -13.07 17.01
C VAL C 175 40.76 -12.97 15.89
N LEU C 176 40.50 -12.07 14.95
CA LEU C 176 41.37 -11.88 13.80
C LEU C 176 42.55 -10.99 14.17
N GLN C 177 43.76 -11.44 13.83
CA GLN C 177 44.97 -10.67 14.08
C GLN C 177 45.97 -10.98 12.98
N SER C 178 46.40 -9.97 12.25
CA SER C 178 47.37 -10.15 11.16
C SER C 178 46.86 -11.20 10.17
N ASP C 179 45.60 -11.07 9.78
CA ASP C 179 44.98 -11.93 8.78
C ASP C 179 44.93 -13.40 9.21
N LEU C 180 44.95 -13.66 10.52
CA LEU C 180 44.81 -15.01 11.01
C LEU C 180 43.90 -15.02 12.23
N TYR C 181 42.99 -15.99 12.28
CA TYR C 181 42.15 -16.22 13.45
C TYR C 181 42.83 -17.14 14.45
N THR C 182 42.70 -16.80 15.73
CA THR C 182 43.01 -17.70 16.83
C THR C 182 41.76 -17.91 17.67
N LEU C 183 41.61 -19.12 18.18
CA LEU C 183 40.44 -19.51 18.95
C LEU C 183 40.87 -20.51 20.01
N SER C 184 40.02 -20.69 21.01
CA SER C 184 40.37 -21.57 22.12
C SER C 184 39.10 -22.01 22.81
N SER C 185 39.13 -23.18 23.41
CA SER C 185 38.01 -23.67 24.19
C SER C 185 38.54 -24.25 25.49
N SER C 186 37.81 -24.03 26.58
CA SER C 186 38.11 -24.63 27.87
C SER C 186 37.00 -25.61 28.23
N VAL C 187 37.37 -26.72 28.84
CA VAL C 187 36.42 -27.70 29.36
C VAL C 187 36.80 -28.02 30.80
N THR C 188 35.79 -28.13 31.67
CA THR C 188 36.02 -28.40 33.09
C THR C 188 35.24 -29.63 33.52
N VAL C 189 35.95 -30.58 34.13
CA VAL C 189 35.37 -31.80 34.68
C VAL C 189 35.94 -32.03 36.07
N THR C 190 35.39 -33.01 36.78
CA THR C 190 35.86 -33.36 38.10
C THR C 190 37.11 -34.24 38.02
N SER C 191 38.00 -34.10 39.02
CA SER C 191 39.27 -34.81 38.97
C SER C 191 39.06 -36.32 38.84
N SER C 192 38.04 -36.88 39.50
CA SER C 192 37.73 -38.28 39.30
C SER C 192 37.49 -38.60 37.83
N THR C 193 37.08 -37.61 37.03
CA THR C 193 36.76 -37.85 35.63
C THR C 193 38.01 -37.94 34.76
N TRP C 194 39.01 -37.09 35.03
CA TRP C 194 40.20 -36.98 34.20
C TRP C 194 41.43 -37.01 35.08
N PRO C 195 42.50 -37.73 34.69
CA PRO C 195 42.75 -38.43 33.41
C PRO C 195 42.19 -39.84 33.29
N SER C 196 41.50 -40.35 34.31
CA SER C 196 41.02 -41.72 34.22
C SER C 196 40.28 -41.97 32.92
N GLN C 197 39.27 -41.15 32.62
CA GLN C 197 38.56 -41.19 31.35
C GLN C 197 39.18 -40.15 30.41
N SER C 198 39.35 -40.52 29.15
CA SER C 198 40.06 -39.65 28.21
C SER C 198 39.16 -38.52 27.70
N ILE C 199 39.80 -37.38 27.45
CA ILE C 199 39.13 -36.19 26.93
C ILE C 199 39.89 -35.72 25.71
N THR C 200 39.18 -35.54 24.59
CA THR C 200 39.86 -35.18 23.34
C THR C 200 39.11 -34.05 22.63
N CYS C 201 39.87 -33.20 21.97
CA CYS C 201 39.40 -32.01 21.28
C CYS C 201 39.20 -32.32 19.79
N ASN C 202 38.03 -32.00 19.26
CA ASN C 202 37.70 -32.26 17.85
C ASN C 202 37.54 -30.95 17.12
N VAL C 203 38.46 -30.67 16.19
CA VAL C 203 38.48 -29.42 15.44
C VAL C 203 38.30 -29.72 13.97
N ALA C 204 37.47 -28.92 13.30
CA ALA C 204 37.24 -29.07 11.86
C ALA C 204 37.30 -27.71 11.20
N HIS C 205 38.03 -27.64 10.09
CA HIS C 205 38.17 -26.42 9.29
C HIS C 205 37.94 -26.83 7.84
N PRO C 206 36.69 -26.98 7.41
CA PRO C 206 36.45 -27.48 6.05
C PRO C 206 37.10 -26.62 4.96
N ALA C 207 37.26 -25.31 5.20
CA ALA C 207 37.85 -24.47 4.18
C ALA C 207 39.23 -24.97 3.76
N SER C 208 39.97 -25.59 4.68
CA SER C 208 41.29 -26.14 4.39
C SER C 208 41.33 -27.66 4.46
N SER C 209 40.19 -28.33 4.51
CA SER C 209 40.13 -29.79 4.53
C SER C 209 40.74 -30.37 5.80
N THR C 210 40.81 -29.57 6.87
CA THR C 210 41.34 -30.03 8.13
C THR C 210 40.26 -30.72 8.96
N LYS C 211 40.63 -31.83 9.57
CA LYS C 211 39.75 -32.55 10.50
C LYS C 211 40.68 -33.29 11.44
N VAL C 212 40.91 -32.71 12.62
CA VAL C 212 41.94 -33.15 13.53
C VAL C 212 41.34 -33.41 14.91
N ASP C 213 41.88 -34.41 15.59
CA ASP C 213 41.53 -34.75 16.96
C ASP C 213 42.78 -34.68 17.82
N LYS C 214 42.72 -33.91 18.91
CA LYS C 214 43.82 -33.83 19.87
C LYS C 214 43.36 -34.32 21.22
N LYS C 215 44.01 -35.35 21.73
CA LYS C 215 43.72 -35.91 23.04
C LYS C 215 44.53 -35.15 24.09
N ILE C 216 43.92 -34.93 25.26
CA ILE C 216 44.54 -34.12 26.30
C ILE C 216 45.31 -35.07 27.22
N GLU C 217 46.63 -35.13 27.02
CA GLU C 217 47.60 -35.94 27.78
C GLU C 217 48.29 -35.06 28.84
N PRO C 218 48.57 -35.62 30.03
CA PRO C 218 48.82 -34.80 31.21
C PRO C 218 50.29 -34.47 31.50
N ARG C 219 51.01 -34.00 30.49
CA ARG C 219 52.34 -33.41 30.73
C ARG C 219 53.25 -34.32 31.57
C1 DMU D . -38.11 37.23 -19.06
C2 DMU D . -39.08 37.76 -18.09
C3 DMU D . -39.22 36.86 -16.91
C4 DMU D . -37.88 36.49 -16.25
O5 DMU D . -36.86 36.08 -17.24
C6 DMU D . -36.76 37.05 -18.37
O7 DMU D . -40.01 37.55 -15.93
O16 DMU D . -35.83 36.54 -19.26
C18 DMU D . -34.54 36.38 -18.66
C19 DMU D . -34.01 34.93 -18.97
C22 DMU D . -32.99 34.46 -17.92
C25 DMU D . -31.61 35.13 -18.10
C28 DMU D . -31.00 35.52 -16.74
C31 DMU D . -29.49 35.83 -16.83
C34 DMU D . -29.10 37.21 -16.21
C37 DMU D . -27.58 37.46 -16.27
C40 DMU D . -27.02 38.04 -14.96
C43 DMU D . -26.20 37.01 -14.15
O49 DMU D . -37.96 38.12 -20.19
O55 DMU D . -40.41 37.94 -18.69
C57 DMU D . -38.05 35.41 -15.20
O61 DMU D . -38.30 34.15 -15.79
C5 DMU D . -42.29 38.16 -15.67
C7 DMU D . -41.98 38.87 -14.40
C8 DMU D . -41.88 37.94 -13.24
C9 DMU D . -41.03 36.70 -13.51
O1 DMU D . -41.35 36.05 -14.80
C10 DMU D . -41.30 37.04 -15.91
O2 DMU D . -41.28 38.64 -12.14
O3 DMU D . -42.26 39.09 -16.79
O4 DMU D . -43.07 39.80 -14.11
C11 DMU D . -41.23 35.73 -12.37
O6 DMU D . -40.37 34.61 -12.56
CAA Y01 E . -26.14 3.06 1.90
CBA Y01 E . -25.27 3.99 2.77
CAB Y01 E . -26.15 4.89 3.63
CAN Y01 E . -24.38 3.15 3.69
CAJ Y01 E . -23.13 2.66 2.96
CAO Y01 E . -23.23 1.15 2.63
CBB Y01 E . -21.90 0.70 1.94
CAC Y01 E . -20.90 1.87 1.98
CBE Y01 E . -21.27 -0.55 2.65
CAP Y01 E . -22.20 -1.79 2.60
CAQ Y01 E . -21.31 -3.01 2.37
CBG Y01 E . -19.90 -2.48 2.60
CBI Y01 E . -19.91 -1.04 2.05
CAE Y01 E . -19.94 -1.00 0.49
CAU Y01 E . -18.64 -0.36 2.58
CAS Y01 E . -17.38 -1.09 2.04
CBF Y01 E . -17.36 -2.60 2.42
CBD Y01 E . -18.71 -3.32 2.08
CAK Y01 E . -18.75 -4.70 2.74
CAI Y01 E . -17.42 -5.40 2.70
CAZ Y01 E . -16.36 -4.90 2.02
CAV Y01 E . -15.19 -5.84 1.80
CBH Y01 E . -16.12 -3.40 1.85
CAD Y01 E . -15.91 -3.11 0.35
CAT Y01 E . -14.84 -2.99 2.64
CAR Y01 E . -13.64 -3.95 2.45
CBC Y01 E . -13.99 -5.44 2.65
OAW Y01 E . -12.89 -6.21 2.17
CAY Y01 E . -11.83 -6.66 2.95
OAG Y01 E . -11.54 -6.07 4.03
CAM Y01 E . -11.04 -7.84 2.47
CAL Y01 E . -9.94 -7.45 1.50
CAX Y01 E . -8.74 -6.99 2.27
OAH Y01 E . -8.54 -5.77 2.45
OAF Y01 E . -7.86 -7.94 2.78
C1 CLR F . -13.14 16.78 5.39
C2 CLR F . -11.65 16.70 5.05
C3 CLR F . -11.36 15.38 4.35
C4 CLR F . -12.05 15.49 2.97
C5 CLR F . -13.55 15.66 3.18
C6 CLR F . -14.35 14.99 2.42
C7 CLR F . -15.81 14.81 2.71
C8 CLR F . -16.37 16.04 3.39
C9 CLR F . -15.49 16.43 4.58
C10 CLR F . -14.05 16.70 4.15
C11 CLR F . -16.06 17.65 5.29
C12 CLR F . -17.46 17.32 5.83
C13 CLR F . -18.36 16.88 4.68
C14 CLR F . -17.73 15.67 3.96
C15 CLR F . -18.80 15.39 2.89
C16 CLR F . -20.12 15.58 3.68
C17 CLR F . -19.72 16.25 5.01
C18 CLR F . -18.51 18.01 3.66
C19 CLR F . -14.06 18.06 3.46
C20 CLR F . -20.80 17.26 5.40
C21 CLR F . -20.25 18.34 6.32
C22 CLR F . -21.89 16.47 6.13
C23 CLR F . -23.26 17.05 5.79
C24 CLR F . -24.30 16.46 6.74
C25 CLR F . -25.69 16.48 6.10
C26 CLR F . -26.73 16.25 7.19
C27 CLR F . -25.97 17.81 5.41
O1 CLR F . -9.95 15.17 4.20
OAC LNR G . -18.78 11.08 -18.17
CAJ LNR G . -19.72 11.82 -17.42
CAG LNR G . -20.59 11.15 -16.56
CAI LNR G . -19.79 13.20 -17.55
OAB LNR G . -18.93 13.88 -18.42
CAE LNR G . -20.72 13.90 -16.80
CAF LNR G . -21.58 13.24 -15.94
CAK LNR G . -21.51 11.86 -15.81
CAL LNR G . -22.45 11.11 -14.85
OAD LNR G . -23.29 10.29 -15.64
CAH LNR G . -21.66 10.29 -13.83
NAA LNR G . -21.95 10.74 -12.47
HOAC LNR G . -18.59 11.52 -18.89
HAG LNR G . -20.53 10.22 -16.49
HOAB LNR G . -19.10 14.72 -18.39
HAE LNR G . -20.77 14.83 -16.88
HAF LNR G . -22.21 13.72 -15.44
HAL LNR G . -23.00 11.73 -14.34
HOAD LNR G . -24.00 10.11 -15.21
HAH LNR G . -20.71 10.41 -14.00
HAHA LNR G . -21.90 9.36 -13.91
HNAA LNR G . -22.61 11.34 -12.49
HNAB LNR G . -22.20 10.05 -11.98
CL CL H . -26.54 6.39 -5.45
NA NA I . -23.79 9.45 -7.90
NA NA J . -21.48 16.84 -9.20
C1 D10 K . -12.71 17.30 -30.13
C2 D10 K . -12.10 18.33 -31.06
C3 D10 K . -12.40 19.80 -30.69
C4 D10 K . -11.57 20.82 -31.49
C5 D10 K . -11.15 22.04 -30.66
C6 D10 K . -10.33 23.08 -31.45
C7 D10 K . -8.85 22.75 -31.64
C8 D10 K . -7.91 23.92 -31.33
C9 D10 K . -6.41 23.59 -31.39
C10 D10 K . -5.56 24.53 -30.54
C1 D10 L . -3.72 5.19 -32.99
C2 D10 L . -4.65 4.40 -33.92
C3 D10 L . -5.71 5.25 -34.64
C4 D10 L . -6.81 4.39 -35.29
C5 D10 L . -7.35 4.95 -36.61
C6 D10 L . -8.75 5.53 -36.50
C7 D10 L . -9.82 4.51 -36.11
C8 D10 L . -10.70 4.08 -37.28
C9 D10 L . -12.21 4.23 -37.00
C10 D10 L . -13.09 3.90 -38.20
C1 D10 M . -29.49 -0.89 -18.84
C2 D10 M . -29.00 0.06 -19.92
C3 D10 M . -29.49 1.50 -19.75
C4 D10 M . -28.95 2.48 -20.80
C5 D10 M . -29.12 3.96 -20.44
C6 D10 M . -28.93 4.23 -18.93
C7 D10 M . -29.13 5.68 -18.47
C8 D10 M . -29.02 5.89 -16.95
C9 D10 M . -30.01 5.10 -16.08
C10 D10 M . -31.33 5.81 -15.79
NA NA N . 23.08 1.67 19.78
NA NA O . 16.47 0.57 21.51
#